data_4G4Z
#
_entry.id   4G4Z
#
_cell.length_a   58.340
_cell.length_b   98.890
_cell.length_c   98.280
_cell.angle_alpha   90.000
_cell.angle_beta   105.900
_cell.angle_gamma   90.000
#
_symmetry.space_group_name_H-M   'P 1 21 1'
#
loop_
_entity.id
_entity.type
_entity.pdbx_description
1 polymer 'Outer membrane protein Omp38'
2 non-polymer D-ALANINE
3 non-polymer 'SULFATE ION'
4 water water
#
_entity_poly.entity_id   1
_entity_poly.type   'polypeptide(L)'
_entity_poly.pdbx_seq_one_letter_code
;GSHMELTEDLNMELRVFFDTNKSNIKDQYKPEIAKVAEKLSEYPNATARIEGHTDNTGPRKLNERLSLARANSVKSALVN
EYNVDASRLSTQGFAWDQPIADNKTKEGRAMNRRVFATITGSR
;
_entity_poly.pdbx_strand_id   A,B,C,D,E,F,G,H
#
loop_
_chem_comp.id
_chem_comp.type
_chem_comp.name
_chem_comp.formula
SO4 non-polymer 'SULFATE ION' 'O4 S -2'
#
# COMPACT_ATOMS: atom_id res chain seq x y z
N MET A 4 31.55 26.81 -9.67
CA MET A 4 31.80 25.41 -9.25
C MET A 4 30.63 24.49 -9.60
N GLU A 5 30.94 23.37 -10.25
CA GLU A 5 29.93 22.40 -10.63
C GLU A 5 30.19 21.15 -9.80
N LEU A 6 29.17 20.68 -9.08
CA LEU A 6 29.31 19.49 -8.24
C LEU A 6 28.11 18.58 -8.44
N THR A 7 28.37 17.33 -8.78
CA THR A 7 27.32 16.35 -9.00
C THR A 7 27.71 15.02 -8.39
N GLU A 8 26.73 14.38 -7.77
CA GLU A 8 26.92 13.05 -7.19
C GLU A 8 25.76 12.25 -7.78
N ASP A 9 26.07 11.16 -8.47
CA ASP A 9 25.04 10.31 -9.09
C ASP A 9 24.85 9.02 -8.31
N LEU A 10 23.60 8.75 -7.96
CA LEU A 10 23.23 7.56 -7.22
C LEU A 10 22.72 6.47 -8.16
N ASN A 11 23.18 5.24 -7.94
CA ASN A 11 22.75 4.08 -8.72
C ASN A 11 22.56 2.96 -7.72
N MET A 12 21.35 2.47 -7.59
CA MET A 12 21.08 1.44 -6.63
C MET A 12 20.11 0.41 -7.19
N GLU A 13 20.36 -0.86 -6.90
CA GLU A 13 19.48 -1.92 -7.39
C GLU A 13 19.01 -2.73 -6.19
N LEU A 14 17.69 -2.88 -6.11
CA LEU A 14 17.05 -3.63 -5.03
C LEU A 14 16.40 -4.90 -5.57
N ARG A 15 16.51 -5.99 -4.82
CA ARG A 15 15.89 -7.27 -5.21
C ARG A 15 15.09 -7.81 -4.03
N VAL A 16 13.81 -8.08 -4.26
CA VAL A 16 12.94 -8.63 -3.22
C VAL A 16 12.27 -9.87 -3.82
N PHE A 17 12.22 -10.95 -3.04
CA PHE A 17 11.60 -12.18 -3.53
C PHE A 17 10.39 -12.55 -2.68
N PHE A 18 9.45 -13.25 -3.28
CA PHE A 18 8.20 -13.59 -2.62
C PHE A 18 7.83 -15.07 -2.59
N ASP A 19 6.97 -15.42 -1.64
CA ASP A 19 6.50 -16.80 -1.53
C ASP A 19 5.39 -16.96 -2.57
N THR A 20 5.12 -18.20 -2.97
CA THR A 20 4.10 -18.43 -3.98
C THR A 20 2.75 -17.84 -3.61
N ASN A 21 2.16 -17.13 -4.56
CA ASN A 21 0.85 -16.48 -4.42
C ASN A 21 0.80 -15.40 -3.35
N LYS A 22 1.98 -14.93 -2.93
CA LYS A 22 2.06 -13.89 -1.91
C LYS A 22 2.72 -12.61 -2.41
N SER A 23 2.31 -11.47 -1.87
CA SER A 23 2.88 -10.18 -2.26
C SER A 23 3.37 -9.40 -1.03
N ASN A 24 3.49 -10.07 0.11
CA ASN A 24 3.95 -9.43 1.33
C ASN A 24 5.47 -9.33 1.34
N ILE A 25 6.00 -8.33 2.05
CA ILE A 25 7.43 -8.15 2.17
C ILE A 25 7.96 -8.96 3.34
N LYS A 26 8.77 -9.97 3.05
CA LYS A 26 9.33 -10.82 4.10
C LYS A 26 10.35 -10.02 4.89
N ASP A 27 10.40 -10.26 6.20
CA ASP A 27 11.31 -9.52 7.08
C ASP A 27 12.75 -9.46 6.60
N GLN A 28 13.23 -10.52 5.96
CA GLN A 28 14.60 -10.56 5.46
C GLN A 28 14.95 -9.41 4.53
N TYR A 29 13.94 -8.78 3.94
CA TYR A 29 14.17 -7.68 2.99
C TYR A 29 14.00 -6.29 3.56
N LYS A 30 13.48 -6.19 4.77
CA LYS A 30 13.27 -4.90 5.40
C LYS A 30 14.55 -4.08 5.53
N PRO A 31 15.69 -4.72 5.83
CA PRO A 31 16.94 -3.96 5.95
C PRO A 31 17.35 -3.31 4.62
N GLU A 32 17.06 -4.00 3.51
CA GLU A 32 17.39 -3.51 2.18
C GLU A 32 16.47 -2.34 1.80
N ILE A 33 15.19 -2.48 2.10
CA ILE A 33 14.22 -1.45 1.80
C ILE A 33 14.54 -0.20 2.61
N ALA A 34 15.05 -0.40 3.82
CA ALA A 34 15.41 0.70 4.70
C ALA A 34 16.60 1.46 4.11
N LYS A 35 17.53 0.72 3.52
CA LYS A 35 18.71 1.34 2.92
C LYS A 35 18.29 2.17 1.71
N VAL A 36 17.30 1.69 0.97
CA VAL A 36 16.80 2.40 -0.20
C VAL A 36 16.11 3.69 0.22
N ALA A 37 15.32 3.62 1.28
CA ALA A 37 14.62 4.80 1.78
C ALA A 37 15.66 5.83 2.24
N GLU A 38 16.72 5.35 2.85
CA GLU A 38 17.78 6.22 3.34
C GLU A 38 18.40 7.01 2.18
N LYS A 39 18.72 6.32 1.09
CA LYS A 39 19.32 6.98 -0.06
C LYS A 39 18.33 7.91 -0.76
N LEU A 40 17.04 7.55 -0.75
CA LEU A 40 16.03 8.38 -1.37
C LEU A 40 15.90 9.69 -0.59
N SER A 41 16.32 9.64 0.67
CA SER A 41 16.28 10.82 1.51
C SER A 41 17.55 11.62 1.25
N GLU A 42 18.67 10.90 1.10
CA GLU A 42 19.96 11.53 0.86
C GLU A 42 20.05 12.15 -0.54
N TYR A 43 19.21 11.66 -1.44
CA TYR A 43 19.12 12.14 -2.83
C TYR A 43 17.64 12.42 -3.06
N PRO A 44 17.14 13.55 -2.54
CA PRO A 44 15.73 13.92 -2.69
C PRO A 44 15.16 13.97 -4.11
N ASN A 45 16.02 14.09 -5.12
CA ASN A 45 15.52 14.14 -6.48
C ASN A 45 15.52 12.79 -7.20
N ALA A 46 16.05 11.78 -6.54
CA ALA A 46 16.12 10.43 -7.13
C ALA A 46 14.74 9.80 -7.22
N THR A 47 14.58 8.92 -8.20
CA THR A 47 13.31 8.23 -8.39
C THR A 47 13.57 6.73 -8.45
N ALA A 48 12.50 5.94 -8.40
CA ALA A 48 12.66 4.51 -8.43
C ALA A 48 11.74 3.86 -9.43
N ARG A 49 12.27 2.89 -10.16
CA ARG A 49 11.51 2.14 -11.16
C ARG A 49 11.33 0.75 -10.53
N ILE A 50 10.13 0.48 -10.05
CA ILE A 50 9.83 -0.79 -9.38
C ILE A 50 9.05 -1.73 -10.30
N GLU A 51 9.59 -2.91 -10.54
CA GLU A 51 8.92 -3.86 -11.42
C GLU A 51 8.73 -5.23 -10.77
N GLY A 52 7.48 -5.72 -10.79
CA GLY A 52 7.14 -6.98 -10.18
C GLY A 52 6.98 -8.13 -11.16
N HIS A 53 7.19 -9.35 -10.69
CA HIS A 53 7.12 -10.53 -11.54
C HIS A 53 6.58 -11.76 -10.82
N THR A 54 6.27 -12.79 -11.59
CA THR A 54 5.75 -14.03 -11.02
C THR A 54 6.39 -15.20 -11.76
N ASP A 55 6.25 -16.41 -11.19
CA ASP A 55 6.75 -17.58 -11.90
C ASP A 55 5.57 -17.92 -12.81
N ASN A 56 5.71 -18.91 -13.68
CA ASN A 56 4.64 -19.20 -14.64
C ASN A 56 3.50 -20.13 -14.22
N THR A 57 3.29 -20.32 -12.92
CA THR A 57 2.21 -21.20 -12.48
C THR A 57 0.90 -20.45 -12.19
N GLY A 58 -0.23 -21.10 -12.46
CA GLY A 58 -1.50 -20.48 -12.19
C GLY A 58 -2.10 -19.65 -13.31
N PRO A 59 -3.36 -19.20 -13.15
CA PRO A 59 -4.07 -18.39 -14.15
C PRO A 59 -3.33 -17.11 -14.53
N ARG A 60 -3.40 -16.77 -15.81
CA ARG A 60 -2.73 -15.58 -16.33
C ARG A 60 -3.09 -14.29 -15.59
N LYS A 61 -4.38 -14.04 -15.43
CA LYS A 61 -4.83 -12.82 -14.76
C LYS A 61 -4.37 -12.74 -13.30
N LEU A 62 -4.31 -13.89 -12.64
CA LEU A 62 -3.89 -13.92 -11.25
C LEU A 62 -2.46 -13.39 -11.17
N ASN A 63 -1.65 -13.79 -12.14
CA ASN A 63 -0.24 -13.38 -12.19
C ASN A 63 -0.04 -11.95 -12.64
N GLU A 64 -0.91 -11.47 -13.53
CA GLU A 64 -0.79 -10.08 -13.97
C GLU A 64 -1.04 -9.24 -12.71
N ARG A 65 -2.11 -9.57 -11.98
CA ARG A 65 -2.45 -8.85 -10.76
C ARG A 65 -1.38 -8.99 -9.68
N LEU A 66 -0.92 -10.23 -9.46
CA LEU A 66 0.08 -10.51 -8.44
C LEU A 66 1.40 -9.79 -8.70
N SER A 67 1.85 -9.79 -9.95
CA SER A 67 3.11 -9.12 -10.27
C SER A 67 3.01 -7.63 -9.94
N LEU A 68 1.87 -7.02 -10.24
CA LEU A 68 1.70 -5.59 -9.93
C LEU A 68 1.58 -5.40 -8.42
N ALA A 69 0.87 -6.31 -7.75
CA ALA A 69 0.72 -6.20 -6.30
C ALA A 69 2.08 -6.27 -5.61
N ARG A 70 2.99 -7.10 -6.13
CA ARG A 70 4.31 -7.21 -5.54
C ARG A 70 5.06 -5.89 -5.67
N ALA A 71 5.03 -5.30 -6.84
CA ALA A 71 5.70 -4.02 -7.06
C ALA A 71 5.06 -2.97 -6.15
N ASN A 72 3.74 -3.00 -6.03
CA ASN A 72 3.06 -2.03 -5.18
C ASN A 72 3.33 -2.25 -3.70
N SER A 73 3.64 -3.48 -3.31
CA SER A 73 3.93 -3.78 -1.92
C SER A 73 5.26 -3.10 -1.54
N VAL A 74 6.22 -3.14 -2.45
CA VAL A 74 7.51 -2.50 -2.18
C VAL A 74 7.30 -0.98 -2.11
N LYS A 75 6.52 -0.45 -3.05
CA LYS A 75 6.25 0.98 -3.04
C LYS A 75 5.56 1.39 -1.74
N SER A 76 4.58 0.60 -1.32
CA SER A 76 3.85 0.88 -0.09
C SER A 76 4.75 0.92 1.13
N ALA A 77 5.74 0.03 1.17
CA ALA A 77 6.66 -0.01 2.30
C ALA A 77 7.45 1.29 2.34
N LEU A 78 7.89 1.76 1.18
CA LEU A 78 8.65 3.01 1.11
C LEU A 78 7.79 4.21 1.48
N VAL A 79 6.57 4.24 0.94
CA VAL A 79 5.62 5.32 1.18
C VAL A 79 5.09 5.43 2.60
N ASN A 80 4.62 4.32 3.16
CA ASN A 80 4.04 4.31 4.49
C ASN A 80 4.95 4.13 5.69
N GLU A 81 6.02 3.36 5.54
CA GLU A 81 6.92 3.14 6.66
C GLU A 81 8.08 4.13 6.68
N TYR A 82 8.41 4.68 5.51
CA TYR A 82 9.52 5.62 5.42
C TYR A 82 9.15 7.00 4.88
N ASN A 83 7.85 7.23 4.68
CA ASN A 83 7.35 8.50 4.19
C ASN A 83 7.92 9.04 2.89
N VAL A 84 8.25 8.14 1.96
CA VAL A 84 8.77 8.57 0.67
C VAL A 84 7.60 9.05 -0.17
N ASP A 85 7.80 10.15 -0.90
CA ASP A 85 6.76 10.70 -1.75
C ASP A 85 6.39 9.66 -2.82
N ALA A 86 5.12 9.25 -2.83
CA ALA A 86 4.66 8.24 -3.79
C ALA A 86 4.94 8.55 -5.26
N SER A 87 4.86 9.82 -5.64
CA SER A 87 5.09 10.21 -7.03
C SER A 87 6.51 9.99 -7.52
N ARG A 88 7.43 9.71 -6.60
CA ARG A 88 8.83 9.48 -6.97
C ARG A 88 9.05 8.01 -7.33
N LEU A 89 8.02 7.19 -7.17
CA LEU A 89 8.13 5.75 -7.41
C LEU A 89 7.13 5.21 -8.43
N SER A 90 7.63 4.54 -9.47
CA SER A 90 6.75 3.94 -10.47
C SER A 90 6.66 2.44 -10.19
N THR A 91 5.50 1.85 -10.50
CA THR A 91 5.31 0.41 -10.31
C THR A 91 4.69 -0.18 -11.56
N GLN A 92 5.10 -1.39 -11.91
CA GLN A 92 4.57 -2.08 -13.07
C GLN A 92 4.77 -3.57 -12.89
N GLY A 93 3.78 -4.36 -13.32
CA GLY A 93 3.88 -5.81 -13.21
C GLY A 93 4.05 -6.41 -14.60
N PHE A 94 4.80 -7.51 -14.68
CA PHE A 94 5.06 -8.17 -15.96
C PHE A 94 4.63 -9.64 -15.99
N ALA A 95 3.81 -10.03 -15.00
CA ALA A 95 3.36 -11.42 -14.91
C ALA A 95 4.57 -12.33 -15.02
N TRP A 96 4.46 -13.39 -15.82
CA TRP A 96 5.57 -14.33 -15.99
C TRP A 96 6.36 -14.10 -17.28
N ASP A 97 6.16 -12.95 -17.90
CA ASP A 97 6.81 -12.65 -19.18
C ASP A 97 8.32 -12.40 -19.20
N GLN A 98 8.91 -12.09 -18.05
CA GLN A 98 10.34 -11.83 -17.99
C GLN A 98 11.06 -12.67 -16.93
N PRO A 99 11.14 -13.98 -17.16
CA PRO A 99 11.80 -14.84 -16.17
C PRO A 99 13.31 -14.62 -16.13
N ILE A 100 13.91 -14.86 -14.97
CA ILE A 100 15.36 -14.74 -14.84
C ILE A 100 15.92 -16.10 -14.42
N ALA A 101 15.03 -17.10 -14.36
CA ALA A 101 15.43 -18.45 -13.98
C ALA A 101 14.50 -19.51 -14.57
N ASP A 102 14.86 -20.77 -14.38
CA ASP A 102 14.11 -21.91 -14.90
C ASP A 102 12.82 -22.17 -14.14
N ASN A 103 11.68 -22.02 -14.83
CA ASN A 103 10.39 -22.25 -14.19
C ASN A 103 10.12 -23.72 -13.89
N LYS A 104 10.96 -24.61 -14.42
CA LYS A 104 10.78 -26.05 -14.20
C LYS A 104 11.27 -26.54 -12.84
N THR A 105 11.95 -25.69 -12.08
CA THR A 105 12.43 -26.09 -10.76
C THR A 105 11.88 -25.17 -9.68
N LYS A 106 11.86 -25.66 -8.45
CA LYS A 106 11.36 -24.87 -7.33
C LYS A 106 12.28 -23.68 -7.11
N GLU A 107 13.58 -23.91 -7.25
CA GLU A 107 14.56 -22.85 -7.05
C GLU A 107 14.41 -21.76 -8.12
N GLY A 108 14.22 -22.18 -9.37
CA GLY A 108 14.06 -21.22 -10.45
C GLY A 108 12.80 -20.40 -10.30
N ARG A 109 11.70 -21.06 -9.95
CA ARG A 109 10.43 -20.37 -9.77
C ARG A 109 10.56 -19.37 -8.63
N ALA A 110 11.30 -19.74 -7.59
CA ALA A 110 11.51 -18.85 -6.46
C ALA A 110 12.22 -17.57 -6.92
N MET A 111 13.15 -17.70 -7.85
CA MET A 111 13.89 -16.55 -8.36
C MET A 111 12.98 -15.65 -9.20
N ASN A 112 12.00 -16.26 -9.88
CA ASN A 112 11.09 -15.48 -10.72
C ASN A 112 10.04 -14.68 -9.95
N ARG A 113 9.68 -15.15 -8.75
CA ARG A 113 8.71 -14.44 -7.89
C ARG A 113 9.51 -13.31 -7.25
N ARG A 114 9.57 -12.19 -7.95
CA ARG A 114 10.43 -11.10 -7.49
C ARG A 114 9.97 -9.70 -7.87
N VAL A 115 10.67 -8.74 -7.28
CA VAL A 115 10.49 -7.35 -7.58
C VAL A 115 11.92 -6.84 -7.69
N PHE A 116 12.23 -6.20 -8.80
CA PHE A 116 13.55 -5.62 -9.02
C PHE A 116 13.28 -4.13 -9.14
N ALA A 117 14.04 -3.33 -8.39
CA ALA A 117 13.86 -1.89 -8.44
C ALA A 117 15.19 -1.21 -8.70
N THR A 118 15.16 -0.20 -9.56
CA THR A 118 16.36 0.55 -9.90
C THR A 118 16.12 1.98 -9.43
N ILE A 119 17.03 2.47 -8.58
CA ILE A 119 16.92 3.82 -8.05
C ILE A 119 18.07 4.65 -8.62
N THR A 120 17.74 5.77 -9.28
CA THR A 120 18.74 6.63 -9.88
C THR A 120 18.44 8.10 -9.61
N GLY A 121 19.45 8.95 -9.73
CA GLY A 121 19.24 10.37 -9.50
C GLY A 121 20.52 11.04 -9.08
N SER A 122 20.53 12.37 -9.09
CA SER A 122 21.72 13.12 -8.71
C SER A 122 21.41 14.18 -7.67
N ARG A 123 22.45 14.68 -7.01
CA ARG A 123 22.29 15.75 -6.03
C ARG A 123 23.51 16.66 -6.18
N HIS B 3 -14.75 -31.78 4.89
CA HIS B 3 -15.71 -30.64 4.84
C HIS B 3 -15.22 -29.55 5.79
N MET B 4 -16.00 -28.48 5.93
CA MET B 4 -15.60 -27.38 6.79
C MET B 4 -16.73 -26.59 7.42
N GLU B 5 -16.61 -26.34 8.72
CA GLU B 5 -17.60 -25.55 9.45
C GLU B 5 -16.88 -24.28 9.87
N LEU B 6 -17.51 -23.13 9.65
CA LEU B 6 -16.91 -21.85 10.00
C LEU B 6 -17.95 -20.87 10.50
N THR B 7 -17.74 -20.36 11.71
CA THR B 7 -18.67 -19.40 12.29
C THR B 7 -17.89 -18.30 13.00
N GLU B 8 -18.42 -17.08 12.90
CA GLU B 8 -17.85 -15.93 13.57
C GLU B 8 -19.02 -15.26 14.27
N ASP B 9 -18.90 -15.09 15.59
CA ASP B 9 -19.97 -14.47 16.36
C ASP B 9 -19.60 -13.06 16.77
N LEU B 10 -20.48 -12.12 16.46
CA LEU B 10 -20.26 -10.72 16.76
C LEU B 10 -21.03 -10.29 18.02
N ASN B 11 -20.36 -9.54 18.88
CA ASN B 11 -21.00 -9.02 20.08
C ASN B 11 -20.49 -7.60 20.24
N MET B 12 -21.41 -6.64 20.27
CA MET B 12 -21.03 -5.24 20.43
C MET B 12 -21.96 -4.56 21.40
N GLU B 13 -21.41 -3.59 22.12
CA GLU B 13 -22.22 -2.79 23.02
C GLU B 13 -21.86 -1.34 22.76
N LEU B 14 -22.87 -0.56 22.39
CA LEU B 14 -22.70 0.85 22.12
C LEU B 14 -23.39 1.59 23.26
N ARG B 15 -22.72 2.59 23.82
CA ARG B 15 -23.29 3.37 24.91
C ARG B 15 -23.30 4.84 24.53
N VAL B 16 -24.49 5.44 24.53
CA VAL B 16 -24.65 6.84 24.19
C VAL B 16 -25.29 7.54 25.37
N PHE B 17 -24.74 8.69 25.76
CA PHE B 17 -25.27 9.42 26.90
C PHE B 17 -25.91 10.75 26.47
N PHE B 18 -26.86 11.22 27.26
CA PHE B 18 -27.61 12.42 26.93
C PHE B 18 -27.65 13.49 28.00
N ASP B 19 -27.93 14.73 27.58
CA ASP B 19 -28.05 15.84 28.50
C ASP B 19 -29.46 15.78 29.07
N THR B 20 -29.69 16.41 30.21
CA THR B 20 -31.00 16.40 30.84
C THR B 20 -32.13 16.84 29.91
N ASN B 21 -33.16 16.00 29.84
CA ASN B 21 -34.33 16.24 29.01
C ASN B 21 -34.07 16.29 27.50
N LYS B 22 -32.92 15.80 27.07
CA LYS B 22 -32.62 15.81 25.64
C LYS B 22 -32.48 14.39 25.09
N SER B 23 -32.84 14.21 23.82
CA SER B 23 -32.77 12.90 23.17
C SER B 23 -31.95 12.92 21.88
N ASN B 24 -31.23 14.02 21.65
CA ASN B 24 -30.41 14.13 20.45
C ASN B 24 -29.05 13.47 20.66
N ILE B 25 -28.50 12.91 19.60
CA ILE B 25 -27.20 12.26 19.67
C ILE B 25 -26.09 13.28 19.45
N LYS B 26 -25.23 13.47 20.45
CA LYS B 26 -24.12 14.41 20.32
C LYS B 26 -23.17 13.90 19.24
N ASP B 27 -22.61 14.82 18.45
CA ASP B 27 -21.69 14.43 17.38
C ASP B 27 -20.52 13.57 17.86
N GLN B 28 -20.16 13.69 19.13
CA GLN B 28 -19.03 12.93 19.66
C GLN B 28 -19.23 11.42 19.55
N TYR B 29 -20.48 10.99 19.42
CA TYR B 29 -20.79 9.55 19.32
C TYR B 29 -20.89 9.03 17.89
N LYS B 30 -20.81 9.91 16.90
CA LYS B 30 -20.93 9.47 15.52
C LYS B 30 -19.88 8.42 15.10
N PRO B 31 -18.62 8.58 15.54
CA PRO B 31 -17.64 7.57 15.14
C PRO B 31 -18.03 6.17 15.63
N GLU B 32 -18.48 6.08 16.88
CA GLU B 32 -18.88 4.78 17.42
C GLU B 32 -20.09 4.22 16.69
N ILE B 33 -21.06 5.08 16.39
CA ILE B 33 -22.26 4.67 15.68
C ILE B 33 -21.86 4.17 14.28
N ALA B 34 -20.88 4.83 13.67
CA ALA B 34 -20.43 4.43 12.33
C ALA B 34 -19.77 3.06 12.39
N LYS B 35 -19.07 2.78 13.48
CA LYS B 35 -18.40 1.50 13.64
C LYS B 35 -19.46 0.40 13.76
N VAL B 36 -20.56 0.72 14.46
CA VAL B 36 -21.65 -0.23 14.61
C VAL B 36 -22.25 -0.52 13.23
N ALA B 37 -22.46 0.52 12.44
CA ALA B 37 -23.01 0.37 11.11
C ALA B 37 -22.09 -0.50 10.25
N GLU B 38 -20.79 -0.29 10.39
CA GLU B 38 -19.81 -1.07 9.62
C GLU B 38 -19.96 -2.56 9.91
N LYS B 39 -20.01 -2.91 11.19
CA LYS B 39 -20.14 -4.30 11.57
C LYS B 39 -21.50 -4.88 11.18
N LEU B 40 -22.54 -4.05 11.20
CA LEU B 40 -23.86 -4.53 10.82
C LEU B 40 -23.85 -4.88 9.34
N SER B 41 -22.89 -4.31 8.61
CA SER B 41 -22.76 -4.59 7.18
C SER B 41 -21.92 -5.85 7.00
N GLU B 42 -20.90 -5.99 7.84
CA GLU B 42 -20.02 -7.16 7.76
C GLU B 42 -20.73 -8.41 8.26
N TYR B 43 -21.71 -8.23 9.13
CA TYR B 43 -22.53 -9.33 9.68
C TYR B 43 -23.96 -8.98 9.31
N PRO B 44 -24.33 -9.14 8.02
CA PRO B 44 -25.66 -8.83 7.51
C PRO B 44 -26.86 -9.39 8.26
N ASN B 45 -26.67 -10.48 9.00
CA ASN B 45 -27.78 -11.07 9.74
C ASN B 45 -27.86 -10.61 11.19
N ALA B 46 -26.89 -9.80 11.59
CA ALA B 46 -26.86 -9.29 12.96
C ALA B 46 -28.03 -8.36 13.23
N THR B 47 -28.42 -8.26 14.50
CA THR B 47 -29.53 -7.42 14.90
C THR B 47 -29.11 -6.61 16.12
N ALA B 48 -29.86 -5.54 16.41
CA ALA B 48 -29.53 -4.70 17.56
C ALA B 48 -30.72 -4.49 18.47
N ARG B 49 -30.45 -4.60 19.77
CA ARG B 49 -31.47 -4.40 20.80
C ARG B 49 -31.08 -3.06 21.43
N ILE B 50 -31.81 -2.02 21.07
CA ILE B 50 -31.53 -0.67 21.55
C ILE B 50 -32.47 -0.32 22.71
N GLU B 51 -31.89 0.05 23.85
CA GLU B 51 -32.70 0.36 25.03
C GLU B 51 -32.38 1.74 25.61
N GLY B 52 -33.41 2.57 25.74
CA GLY B 52 -33.24 3.92 26.24
C GLY B 52 -33.61 4.06 27.70
N HIS B 53 -32.96 5.00 28.38
CA HIS B 53 -33.18 5.22 29.81
C HIS B 53 -33.15 6.70 30.19
N THR B 54 -33.57 7.00 31.42
CA THR B 54 -33.58 8.37 31.94
C THR B 54 -33.15 8.35 33.40
N ASP B 55 -32.80 9.50 33.98
CA ASP B 55 -32.49 9.51 35.39
C ASP B 55 -33.87 9.63 36.01
N ASN B 56 -33.98 9.64 37.34
CA ASN B 56 -35.30 9.70 37.97
C ASN B 56 -35.88 11.07 38.26
N THR B 57 -35.42 12.11 37.58
CA THR B 57 -35.97 13.45 37.81
C THR B 57 -37.11 13.71 36.83
N GLY B 58 -38.15 14.40 37.31
CA GLY B 58 -39.27 14.71 36.44
C GLY B 58 -40.42 13.71 36.49
N PRO B 59 -41.53 14.01 35.78
CA PRO B 59 -42.72 13.17 35.70
C PRO B 59 -42.48 11.80 35.07
N ARG B 60 -43.29 10.83 35.43
CA ARG B 60 -43.17 9.47 34.93
C ARG B 60 -43.40 9.34 33.42
N LYS B 61 -44.55 9.79 32.93
CA LYS B 61 -44.85 9.70 31.51
C LYS B 61 -43.84 10.40 30.62
N LEU B 62 -43.42 11.59 31.03
CA LEU B 62 -42.43 12.33 30.25
C LEU B 62 -41.17 11.49 30.09
N ASN B 63 -40.78 10.80 31.15
CA ASN B 63 -39.59 9.97 31.12
C ASN B 63 -39.77 8.67 30.35
N GLU B 64 -40.99 8.14 30.34
CA GLU B 64 -41.25 6.92 29.59
C GLU B 64 -41.04 7.32 28.13
N ARG B 65 -41.62 8.46 27.74
CA ARG B 65 -41.49 8.94 26.37
C ARG B 65 -40.06 9.32 26.03
N LEU B 66 -39.36 9.98 26.95
CA LEU B 66 -37.99 10.39 26.72
C LEU B 66 -37.04 9.20 26.53
N SER B 67 -37.21 8.16 27.35
CA SER B 67 -36.35 6.99 27.23
C SER B 67 -36.51 6.33 25.87
N LEU B 68 -37.76 6.25 25.39
CA LEU B 68 -38.01 5.63 24.09
C LEU B 68 -37.47 6.50 22.96
N ALA B 69 -37.64 7.82 23.09
CA ALA B 69 -37.15 8.75 22.08
C ALA B 69 -35.64 8.67 21.96
N ARG B 70 -34.96 8.43 23.07
CA ARG B 70 -33.51 8.31 23.05
C ARG B 70 -33.11 7.07 22.27
N ALA B 71 -33.83 5.98 22.48
CA ALA B 71 -33.55 4.73 21.77
C ALA B 71 -33.84 4.93 20.29
N ASN B 72 -34.95 5.60 19.98
CA ASN B 72 -35.31 5.82 18.59
C ASN B 72 -34.34 6.75 17.88
N SER B 73 -33.65 7.63 18.62
CA SER B 73 -32.69 8.52 18.00
C SER B 73 -31.51 7.70 17.48
N VAL B 74 -31.10 6.70 18.26
CA VAL B 74 -29.99 5.85 17.85
C VAL B 74 -30.42 5.01 16.64
N LYS B 75 -31.63 4.47 16.67
CA LYS B 75 -32.11 3.67 15.54
C LYS B 75 -32.20 4.55 14.30
N SER B 76 -32.71 5.76 14.46
CA SER B 76 -32.84 6.68 13.34
C SER B 76 -31.50 7.00 12.69
N ALA B 77 -30.46 7.17 13.51
CA ALA B 77 -29.14 7.46 12.98
C ALA B 77 -28.68 6.32 12.08
N LEU B 78 -28.81 5.10 12.59
CA LEU B 78 -28.42 3.92 11.83
C LEU B 78 -29.22 3.76 10.54
N VAL B 79 -30.53 3.97 10.63
CA VAL B 79 -31.40 3.83 9.47
C VAL B 79 -31.24 4.92 8.42
N ASN B 80 -31.28 6.17 8.85
CA ASN B 80 -31.19 7.29 7.91
C ASN B 80 -29.78 7.70 7.49
N GLU B 81 -28.82 7.60 8.39
CA GLU B 81 -27.45 7.98 8.08
C GLU B 81 -26.58 6.85 7.55
N TYR B 82 -26.92 5.61 7.90
CA TYR B 82 -26.12 4.48 7.46
C TYR B 82 -26.88 3.44 6.64
N ASN B 83 -28.14 3.74 6.33
CA ASN B 83 -28.96 2.86 5.50
C ASN B 83 -29.12 1.44 6.06
N VAL B 84 -29.19 1.32 7.37
CA VAL B 84 -29.39 0.00 7.98
C VAL B 84 -30.88 -0.29 7.92
N ASP B 85 -31.25 -1.53 7.56
CA ASP B 85 -32.65 -1.92 7.48
C ASP B 85 -33.28 -1.78 8.87
N ALA B 86 -34.34 -0.96 8.95
CA ALA B 86 -35.02 -0.71 10.21
C ALA B 86 -35.51 -1.97 10.94
N SER B 87 -35.86 -3.01 10.17
CA SER B 87 -36.36 -4.25 10.77
C SER B 87 -35.31 -5.03 11.57
N ARG B 88 -34.04 -4.67 11.41
CA ARG B 88 -32.96 -5.35 12.13
C ARG B 88 -32.73 -4.74 13.50
N LEU B 89 -33.42 -3.64 13.77
CA LEU B 89 -33.25 -2.91 15.03
C LEU B 89 -34.52 -2.75 15.87
N SER B 90 -34.43 -3.10 17.15
CA SER B 90 -35.58 -2.92 18.03
C SER B 90 -35.28 -1.78 18.98
N THR B 91 -36.33 -1.09 19.44
CA THR B 91 -36.15 0.01 20.39
C THR B 91 -37.16 -0.14 21.51
N GLN B 92 -36.73 0.22 22.72
CA GLN B 92 -37.59 0.14 23.89
C GLN B 92 -37.07 1.13 24.93
N GLY B 93 -37.99 1.76 25.64
CA GLY B 93 -37.63 2.72 26.67
C GLY B 93 -37.99 2.14 28.02
N PHE B 94 -37.14 2.37 29.01
CA PHE B 94 -37.37 1.84 30.35
C PHE B 94 -37.50 2.93 31.40
N ALA B 95 -37.67 4.18 30.96
CA ALA B 95 -37.77 5.29 31.90
C ALA B 95 -36.59 5.22 32.85
N TRP B 96 -36.86 5.39 34.14
CA TRP B 96 -35.82 5.34 35.16
C TRP B 96 -35.78 4.00 35.89
N ASP B 97 -36.44 3.00 35.34
CA ASP B 97 -36.53 1.69 35.99
C ASP B 97 -35.27 0.83 36.06
N GLN B 98 -34.28 1.15 35.24
CA GLN B 98 -33.04 0.38 35.24
C GLN B 98 -31.80 1.28 35.37
N PRO B 99 -31.62 1.89 36.54
CA PRO B 99 -30.45 2.76 36.71
C PRO B 99 -29.15 1.95 36.79
N ILE B 100 -28.05 2.57 36.38
CA ILE B 100 -26.76 1.91 36.47
C ILE B 100 -25.88 2.67 37.48
N ALA B 101 -26.39 3.80 37.93
CA ALA B 101 -25.67 4.64 38.89
C ALA B 101 -26.65 5.26 39.89
N ASP B 102 -26.10 5.92 40.91
CA ASP B 102 -26.90 6.54 41.95
C ASP B 102 -27.51 7.86 41.47
N ASN B 103 -28.82 7.94 41.47
CA ASN B 103 -29.54 9.15 41.03
C ASN B 103 -29.36 10.34 41.99
N LYS B 104 -28.68 10.12 43.11
CA LYS B 104 -28.48 11.18 44.08
C LYS B 104 -27.31 12.12 43.77
N THR B 105 -26.42 11.71 42.87
CA THR B 105 -25.28 12.54 42.50
C THR B 105 -25.40 12.97 41.05
N LYS B 106 -24.80 14.10 40.70
CA LYS B 106 -24.86 14.57 39.32
C LYS B 106 -24.19 13.57 38.38
N GLU B 107 -23.10 12.98 38.84
CA GLU B 107 -22.38 11.99 38.02
C GLU B 107 -23.27 10.78 37.78
N GLY B 108 -23.98 10.36 38.82
CA GLY B 108 -24.86 9.21 38.71
C GLY B 108 -26.01 9.43 37.75
N ARG B 109 -26.67 10.59 37.86
CA ARG B 109 -27.78 10.91 36.98
C ARG B 109 -27.31 10.98 35.53
N ALA B 110 -26.11 11.52 35.32
CA ALA B 110 -25.56 11.64 33.98
C ALA B 110 -25.39 10.26 33.36
N MET B 111 -24.92 9.31 34.17
CA MET B 111 -24.71 7.94 33.74
C MET B 111 -26.04 7.27 33.37
N ASN B 112 -27.11 7.63 34.07
CA ASN B 112 -28.41 7.02 33.83
C ASN B 112 -29.14 7.51 32.58
N ARG B 113 -28.83 8.73 32.13
CA ARG B 113 -29.45 9.27 30.91
C ARG B 113 -28.67 8.62 29.79
N ARG B 114 -29.13 7.47 29.33
CA ARG B 114 -28.37 6.74 28.33
C ARG B 114 -29.18 5.82 27.43
N VAL B 115 -28.47 5.29 26.44
CA VAL B 115 -29.03 4.31 25.52
C VAL B 115 -27.91 3.29 25.40
N PHE B 116 -28.25 2.02 25.61
CA PHE B 116 -27.28 0.94 25.47
C PHE B 116 -27.81 0.11 24.32
N ALA B 117 -27.00 -0.07 23.29
CA ALA B 117 -27.40 -0.87 22.13
C ALA B 117 -26.53 -2.12 22.13
N THR B 118 -27.17 -3.28 22.12
CA THR B 118 -26.47 -4.55 22.11
C THR B 118 -26.63 -5.21 20.75
N ILE B 119 -25.51 -5.39 20.05
CA ILE B 119 -25.53 -6.00 18.72
C ILE B 119 -25.04 -7.44 18.81
N THR B 120 -25.81 -8.36 18.23
CA THR B 120 -25.43 -9.77 18.23
C THR B 120 -25.72 -10.37 16.87
N GLY B 121 -24.96 -11.40 16.50
CA GLY B 121 -25.17 -12.03 15.22
C GLY B 121 -23.98 -12.86 14.80
N SER B 122 -24.17 -13.68 13.77
CA SER B 122 -23.09 -14.54 13.27
C SER B 122 -23.04 -14.49 11.76
N ARG B 123 -21.92 -14.93 11.21
CA ARG B 123 -21.73 -15.00 9.76
C ARG B 123 -20.88 -16.24 9.49
N GLU C 5 22.97 -3.82 -4.99
CA GLU C 5 24.25 -3.07 -5.09
C GLU C 5 23.97 -1.58 -5.04
N LEU C 6 24.98 -0.82 -4.63
CA LEU C 6 24.84 0.61 -4.49
C LEU C 6 26.14 1.34 -4.82
N THR C 7 26.04 2.40 -5.60
CA THR C 7 27.22 3.20 -5.95
C THR C 7 26.86 4.67 -6.05
N GLU C 8 27.85 5.51 -5.79
CA GLU C 8 27.69 6.95 -5.88
C GLU C 8 28.90 7.42 -6.66
N ASP C 9 28.67 8.18 -7.72
CA ASP C 9 29.74 8.69 -8.57
C ASP C 9 29.90 10.19 -8.39
N LEU C 10 31.14 10.62 -8.16
CA LEU C 10 31.46 12.03 -7.97
C LEU C 10 32.01 12.66 -9.25
N ASN C 11 31.45 13.81 -9.63
CA ASN C 11 31.91 14.55 -10.80
C ASN C 11 31.88 16.02 -10.43
N MET C 12 33.06 16.62 -10.36
CA MET C 12 33.20 18.03 -9.98
C MET C 12 34.05 18.82 -10.96
N GLU C 13 33.72 20.09 -11.11
CA GLU C 13 34.52 20.96 -11.95
C GLU C 13 34.74 22.24 -11.16
N LEU C 14 36.01 22.56 -10.94
CA LEU C 14 36.40 23.76 -10.22
C LEU C 14 36.94 24.75 -11.23
N ARG C 15 36.58 26.01 -11.08
CA ARG C 15 37.04 27.06 -11.99
C ARG C 15 37.63 28.20 -11.18
N VAL C 16 38.92 28.43 -11.37
CA VAL C 16 39.63 29.50 -10.66
C VAL C 16 40.19 30.46 -11.71
N PHE C 17 40.01 31.76 -11.46
CA PHE C 17 40.47 32.78 -12.40
C PHE C 17 41.61 33.64 -11.83
N PHE C 18 42.48 34.10 -12.72
CA PHE C 18 43.65 34.87 -12.34
C PHE C 18 43.80 36.22 -13.03
N ASP C 19 44.54 37.11 -12.38
CA ASP C 19 44.81 38.42 -12.95
C ASP C 19 46.04 38.27 -13.83
N THR C 20 46.24 39.24 -14.71
CA THR C 20 47.37 39.22 -15.63
C THR C 20 48.70 38.99 -14.91
N ASN C 21 49.49 38.05 -15.44
CA ASN C 21 50.79 37.68 -14.89
C ASN C 21 50.75 37.02 -13.52
N LYS C 22 49.57 36.85 -12.95
CA LYS C 22 49.49 36.26 -11.61
C LYS C 22 49.06 34.79 -11.55
N SER C 23 49.57 34.08 -10.55
CA SER C 23 49.27 32.67 -10.34
C SER C 23 48.84 32.40 -8.90
N ASN C 24 48.55 33.46 -8.16
CA ASN C 24 48.11 33.32 -6.77
C ASN C 24 46.63 32.97 -6.74
N ILE C 25 46.19 32.30 -5.68
CA ILE C 25 44.77 31.96 -5.54
C ILE C 25 44.11 33.08 -4.74
N LYS C 26 43.25 33.85 -5.39
CA LYS C 26 42.56 34.94 -4.69
C LYS C 26 41.70 34.33 -3.59
N ASP C 27 41.61 35.04 -2.46
CA ASP C 27 40.83 34.52 -1.34
C ASP C 27 39.38 34.17 -1.66
N GLN C 28 38.79 34.81 -2.66
CA GLN C 28 37.41 34.51 -3.00
C GLN C 28 37.22 33.07 -3.48
N TYR C 29 38.31 32.43 -3.89
CA TYR C 29 38.23 31.05 -4.38
C TYR C 29 38.48 30.00 -3.30
N LYS C 30 38.85 30.43 -2.10
CA LYS C 30 39.12 29.48 -1.04
C LYS C 30 37.93 28.60 -0.67
N PRO C 31 36.70 29.15 -0.64
CA PRO C 31 35.57 28.30 -0.29
C PRO C 31 35.36 27.14 -1.26
N GLU C 32 35.62 27.39 -2.54
CA GLU C 32 35.44 26.33 -3.54
C GLU C 32 36.55 25.30 -3.43
N ILE C 33 37.75 25.75 -3.11
CA ILE C 33 38.87 24.83 -2.96
C ILE C 33 38.61 23.96 -1.72
N ALA C 34 38.01 24.57 -0.70
CA ALA C 34 37.68 23.84 0.53
C ALA C 34 36.66 22.74 0.19
N LYS C 35 35.71 23.06 -0.68
CA LYS C 35 34.68 22.10 -1.07
C LYS C 35 35.30 20.93 -1.83
N VAL C 36 36.27 21.23 -2.68
CA VAL C 36 36.94 20.18 -3.43
C VAL C 36 37.64 19.24 -2.45
N ALA C 37 38.34 19.81 -1.48
CA ALA C 37 39.04 19.00 -0.48
C ALA C 37 38.06 18.10 0.28
N GLU C 38 36.91 18.67 0.62
CA GLU C 38 35.87 17.93 1.33
C GLU C 38 35.46 16.70 0.51
N LYS C 39 35.16 16.91 -0.77
CA LYS C 39 34.74 15.80 -1.61
C LYS C 39 35.85 14.78 -1.84
N LEU C 40 37.10 15.24 -1.87
CA LEU C 40 38.22 14.32 -2.07
C LEU C 40 38.36 13.40 -0.86
N SER C 41 37.83 13.84 0.28
CA SER C 41 37.87 13.05 1.49
C SER C 41 36.65 12.11 1.50
N GLU C 42 35.51 12.62 1.06
CA GLU C 42 34.28 11.83 1.02
C GLU C 42 34.35 10.70 -0.01
N TYR C 43 35.18 10.89 -1.03
CA TYR C 43 35.40 9.91 -2.09
C TYR C 43 36.91 9.68 -2.11
N PRO C 44 37.42 8.83 -1.20
CA PRO C 44 38.86 8.58 -1.14
C PRO C 44 39.57 8.11 -2.40
N ASN C 45 38.86 7.50 -3.34
CA ASN C 45 39.53 7.06 -4.57
C ASN C 45 39.52 8.12 -5.66
N ALA C 46 38.92 9.28 -5.37
CA ALA C 46 38.83 10.34 -6.36
C ALA C 46 40.20 10.94 -6.70
N THR C 47 40.30 11.44 -7.93
CA THR C 47 41.51 12.08 -8.40
C THR C 47 41.08 13.34 -9.13
N ALA C 48 42.03 14.25 -9.37
CA ALA C 48 41.70 15.48 -10.07
C ALA C 48 42.69 15.79 -11.17
N ARG C 49 42.16 16.29 -12.27
CA ARG C 49 42.98 16.69 -13.41
C ARG C 49 42.93 18.21 -13.43
N ILE C 50 44.01 18.84 -12.99
CA ILE C 50 44.08 20.29 -12.92
C ILE C 50 44.79 20.85 -14.16
N GLU C 51 44.09 21.71 -14.88
CA GLU C 51 44.67 22.26 -16.11
C GLU C 51 44.69 23.79 -16.08
N GLY C 52 45.88 24.35 -16.27
CA GLY C 52 46.05 25.79 -16.26
C GLY C 52 46.12 26.40 -17.65
N HIS C 53 45.71 27.67 -17.75
CA HIS C 53 45.68 28.38 -19.02
C HIS C 53 46.03 29.85 -18.85
N THR C 54 46.26 30.53 -19.97
CA THR C 54 46.59 31.95 -19.98
C THR C 54 45.87 32.56 -21.18
N ASP C 55 45.78 33.89 -21.22
CA ASP C 55 45.18 34.51 -22.40
C ASP C 55 46.35 34.55 -23.39
N ASN C 56 46.12 35.03 -24.60
CA ASN C 56 47.20 35.02 -25.60
C ASN C 56 48.19 36.18 -25.58
N THR C 57 48.21 36.97 -24.51
CA THR C 57 49.13 38.09 -24.44
C THR C 57 50.48 37.70 -23.84
N GLY C 58 51.55 38.31 -24.34
CA GLY C 58 52.88 38.02 -23.82
C GLY C 58 53.63 36.92 -24.55
N PRO C 59 54.89 36.66 -24.15
CA PRO C 59 55.76 35.63 -24.74
C PRO C 59 55.20 34.22 -24.56
N ARG C 60 55.57 33.32 -25.47
CA ARG C 60 55.11 31.94 -25.39
C ARG C 60 55.69 31.28 -24.14
N LYS C 61 56.98 31.49 -23.90
CA LYS C 61 57.64 30.89 -22.75
C LYS C 61 57.01 31.35 -21.44
N LEU C 62 56.66 32.63 -21.37
CA LEU C 62 56.02 33.17 -20.18
C LEU C 62 54.72 32.43 -19.91
N ASN C 63 53.92 32.27 -20.95
CA ASN C 63 52.63 31.60 -20.82
C ASN C 63 52.68 30.09 -20.60
N GLU C 64 53.75 29.44 -21.06
CA GLU C 64 53.86 28.02 -20.86
C GLU C 64 54.09 27.81 -19.37
N ARG C 65 54.99 28.62 -18.80
CA ARG C 65 55.29 28.54 -17.38
C ARG C 65 54.12 29.03 -16.53
N LEU C 66 53.52 30.14 -16.94
CA LEU C 66 52.40 30.71 -16.18
C LEU C 66 51.19 29.79 -16.11
N SER C 67 50.85 29.16 -17.23
CA SER C 67 49.71 28.25 -17.25
C SER C 67 49.94 27.09 -16.28
N LEU C 68 51.15 26.57 -16.25
CA LEU C 68 51.48 25.47 -15.35
C LEU C 68 51.54 25.95 -13.90
N ALA C 69 52.10 27.14 -13.69
CA ALA C 69 52.20 27.69 -12.34
C ALA C 69 50.80 27.84 -11.74
N ARG C 70 49.84 28.24 -12.59
CA ARG C 70 48.48 28.40 -12.12
C ARG C 70 47.90 27.05 -11.69
N ALA C 71 48.14 26.02 -12.49
CA ALA C 71 47.64 24.70 -12.16
C ALA C 71 48.29 24.21 -10.86
N ASN C 72 49.60 24.44 -10.73
CA ASN C 72 50.31 24.01 -9.54
C ASN C 72 49.91 24.80 -8.29
N SER C 73 49.44 26.03 -8.49
CA SER C 73 49.02 26.85 -7.36
C SER C 73 47.77 26.22 -6.73
N VAL C 74 46.88 25.72 -7.58
CA VAL C 74 45.67 25.07 -7.08
C VAL C 74 46.06 23.77 -6.39
N LYS C 75 46.96 23.03 -7.01
CA LYS C 75 47.40 21.76 -6.42
C LYS C 75 48.08 21.99 -5.07
N SER C 76 48.91 23.02 -4.99
CA SER C 76 49.62 23.33 -3.75
C SER C 76 48.67 23.68 -2.62
N ALA C 77 47.62 24.43 -2.93
CA ALA C 77 46.64 24.80 -1.91
C ALA C 77 46.01 23.53 -1.34
N LEU C 78 45.64 22.60 -2.21
CA LEU C 78 45.03 21.35 -1.77
C LEU C 78 45.99 20.49 -0.95
N VAL C 79 47.23 20.37 -1.42
CA VAL C 79 48.24 19.57 -0.73
C VAL C 79 48.69 20.17 0.60
N ASN C 80 49.04 21.45 0.58
CA ASN C 80 49.55 22.13 1.76
C ASN C 80 48.53 22.61 2.79
N GLU C 81 47.40 23.12 2.32
CA GLU C 81 46.39 23.64 3.23
C GLU C 81 45.32 22.62 3.63
N TYR C 82 45.10 21.61 2.78
CA TYR C 82 44.08 20.61 3.06
C TYR C 82 44.57 19.19 3.21
N ASN C 83 45.88 19.02 3.22
CA ASN C 83 46.49 17.71 3.40
C ASN C 83 46.03 16.68 2.37
N VAL C 84 45.80 17.11 1.14
CA VAL C 84 45.39 16.17 0.09
C VAL C 84 46.66 15.56 -0.48
N ASP C 85 46.67 14.24 -0.68
CA ASP C 85 47.85 13.58 -1.23
C ASP C 85 48.16 14.10 -2.63
N ALA C 86 49.40 14.55 -2.85
CA ALA C 86 49.80 15.09 -4.13
C ALA C 86 49.62 14.18 -5.34
N SER C 87 49.85 12.87 -5.17
CA SER C 87 49.73 11.95 -6.30
C SER C 87 48.34 11.81 -6.90
N ARG C 88 47.32 12.25 -6.17
CA ARG C 88 45.93 12.16 -6.67
C ARG C 88 45.62 13.34 -7.59
N LEU C 89 46.53 14.30 -7.65
CA LEU C 89 46.30 15.51 -8.44
C LEU C 89 47.32 15.72 -9.54
N SER C 90 46.87 15.74 -10.78
CA SER C 90 47.78 15.96 -11.90
C SER C 90 47.67 17.44 -12.28
N THR C 91 48.77 17.99 -12.82
CA THR C 91 48.77 19.38 -13.26
C THR C 91 49.38 19.47 -14.65
N GLN C 92 48.85 20.37 -15.45
CA GLN C 92 49.35 20.58 -16.81
C GLN C 92 48.98 21.98 -17.26
N GLY C 93 49.88 22.63 -17.98
CA GLY C 93 49.62 23.96 -18.50
C GLY C 93 49.46 23.89 -20.00
N PHE C 94 48.54 24.67 -20.54
CA PHE C 94 48.30 24.67 -21.98
C PHE C 94 48.55 26.03 -22.59
N ALA C 95 49.18 26.91 -21.83
CA ALA C 95 49.45 28.27 -22.31
C ALA C 95 48.16 28.86 -22.84
N TRP C 96 48.21 29.42 -24.06
CA TRP C 96 47.04 30.02 -24.68
C TRP C 96 46.40 29.10 -25.73
N ASP C 97 46.85 27.85 -25.79
CA ASP C 97 46.35 26.92 -26.80
C ASP C 97 44.90 26.47 -26.71
N GLN C 98 44.28 26.64 -25.55
CA GLN C 98 42.89 26.22 -25.40
C GLN C 98 41.99 27.29 -24.80
N PRO C 99 41.72 28.36 -25.56
CA PRO C 99 40.87 29.45 -25.07
C PRO C 99 39.40 29.02 -25.00
N ILE C 100 38.66 29.66 -24.10
CA ILE C 100 37.24 29.39 -23.94
C ILE C 100 36.46 30.67 -24.18
N ALA C 101 37.19 31.74 -24.46
CA ALA C 101 36.59 33.05 -24.72
C ALA C 101 37.43 33.81 -25.73
N ASP C 102 36.88 34.90 -26.25
CA ASP C 102 37.58 35.71 -27.24
C ASP C 102 38.66 36.58 -26.62
N ASN C 103 39.91 36.34 -27.01
CA ASN C 103 41.04 37.11 -26.49
C ASN C 103 41.03 38.55 -26.98
N LYS C 104 40.10 38.88 -27.88
CA LYS C 104 40.01 40.23 -28.42
C LYS C 104 39.39 41.22 -27.43
N THR C 105 38.65 40.69 -26.45
CA THR C 105 38.02 41.55 -25.46
C THR C 105 38.66 41.39 -24.08
N LYS C 106 38.52 42.41 -23.25
CA LYS C 106 39.09 42.38 -21.90
C LYS C 106 38.44 41.29 -21.07
N GLU C 107 37.12 41.15 -21.16
CA GLU C 107 36.41 40.13 -20.40
C GLU C 107 36.70 38.74 -20.96
N GLY C 108 36.95 38.66 -22.26
CA GLY C 108 37.25 37.38 -22.87
C GLY C 108 38.59 36.85 -22.36
N ARG C 109 39.56 37.75 -22.26
CA ARG C 109 40.88 37.37 -21.78
C ARG C 109 40.83 36.98 -20.31
N ALA C 110 39.97 37.66 -19.55
CA ALA C 110 39.83 37.38 -18.13
C ALA C 110 39.35 35.94 -17.95
N MET C 111 38.44 35.52 -18.81
CA MET C 111 37.92 34.17 -18.75
C MET C 111 38.99 33.14 -19.09
N ASN C 112 39.89 33.49 -20.00
CA ASN C 112 40.95 32.58 -20.41
C ASN C 112 42.05 32.38 -19.38
N ARG C 113 42.28 33.38 -18.53
CA ARG C 113 43.30 33.26 -17.48
C ARG C 113 42.62 32.42 -16.41
N ARG C 114 42.74 31.10 -16.53
CA ARG C 114 42.04 30.23 -15.63
C ARG C 114 42.70 28.88 -15.38
N VAL C 115 42.13 28.17 -14.42
CA VAL C 115 42.53 26.82 -14.09
C VAL C 115 41.20 26.11 -13.95
N PHE C 116 41.03 25.03 -14.70
CA PHE C 116 39.82 24.23 -14.65
C PHE C 116 40.29 22.90 -14.10
N ALA C 117 39.67 22.45 -13.02
CA ALA C 117 40.02 21.19 -12.40
C ALA C 117 38.83 20.24 -12.48
N THR C 118 39.06 19.04 -13.00
CA THR C 118 38.01 18.05 -13.11
C THR C 118 38.27 16.94 -12.08
N ILE C 119 37.33 16.77 -11.17
CA ILE C 119 37.45 15.75 -10.13
C ILE C 119 36.47 14.62 -10.38
N THR C 120 36.97 13.39 -10.36
CA THR C 120 36.12 12.23 -10.58
C THR C 120 36.43 11.17 -9.53
N GLY C 121 35.39 10.52 -9.03
CA GLY C 121 35.57 9.48 -8.03
C GLY C 121 34.31 8.66 -7.88
N SER C 122 34.38 7.60 -7.08
CA SER C 122 33.22 6.73 -6.86
C SER C 122 33.34 6.04 -5.51
N ARG C 123 32.21 5.60 -4.96
CA ARG C 123 32.22 4.91 -3.67
C ARG C 123 31.01 3.99 -3.53
N SER D 2 -13.66 4.77 26.30
CA SER D 2 -14.50 4.64 25.07
C SER D 2 -15.95 4.37 25.46
N HIS D 3 -16.84 4.42 24.48
CA HIS D 3 -18.26 4.19 24.72
C HIS D 3 -18.80 3.00 23.93
N MET D 4 -17.90 2.18 23.42
CA MET D 4 -18.33 1.03 22.65
C MET D 4 -17.22 0.01 22.51
N GLU D 5 -17.56 -1.24 22.78
CA GLU D 5 -16.60 -2.33 22.65
C GLU D 5 -17.23 -3.41 21.80
N LEU D 6 -16.39 -4.21 21.16
CA LEU D 6 -16.90 -5.29 20.34
C LEU D 6 -15.91 -6.42 20.38
N THR D 7 -16.42 -7.62 20.18
CA THR D 7 -15.60 -8.81 20.16
C THR D 7 -16.15 -9.68 19.04
N GLU D 8 -15.26 -10.47 18.46
CA GLU D 8 -15.63 -11.38 17.39
C GLU D 8 -15.00 -12.70 17.80
N ASP D 9 -15.81 -13.76 17.81
CA ASP D 9 -15.32 -15.08 18.20
C ASP D 9 -15.30 -16.02 17.01
N LEU D 10 -14.13 -16.62 16.78
CA LEU D 10 -13.93 -17.54 15.68
C LEU D 10 -14.05 -19.00 16.13
N ASN D 11 -14.79 -19.78 15.36
CA ASN D 11 -14.97 -21.19 15.64
C ASN D 11 -14.98 -21.90 14.29
N MET D 12 -14.03 -22.81 14.10
CA MET D 12 -13.92 -23.55 12.85
C MET D 12 -13.66 -25.01 13.12
N GLU D 13 -14.18 -25.85 12.24
CA GLU D 13 -13.96 -27.28 12.32
C GLU D 13 -13.58 -27.72 10.92
N LEU D 14 -12.45 -28.39 10.81
CA LEU D 14 -11.94 -28.89 9.52
C LEU D 14 -11.91 -30.40 9.61
N ARG D 15 -12.37 -31.06 8.55
CA ARG D 15 -12.37 -32.52 8.49
C ARG D 15 -11.61 -32.97 7.24
N VAL D 16 -10.58 -33.78 7.45
CA VAL D 16 -9.77 -34.31 6.37
C VAL D 16 -9.79 -35.83 6.48
N PHE D 17 -10.05 -36.52 5.37
CA PHE D 17 -10.09 -37.97 5.40
C PHE D 17 -8.94 -38.55 4.60
N PHE D 18 -8.51 -39.75 5.00
CA PHE D 18 -7.36 -40.41 4.38
C PHE D 18 -7.63 -41.83 3.89
N ASP D 19 -6.78 -42.28 2.96
CA ASP D 19 -6.89 -43.64 2.44
C ASP D 19 -6.23 -44.56 3.46
N THR D 20 -6.56 -45.84 3.37
CA THR D 20 -6.00 -46.82 4.29
C THR D 20 -4.48 -46.76 4.35
N ASN D 21 -3.97 -46.71 5.57
CA ASN D 21 -2.53 -46.67 5.84
C ASN D 21 -1.79 -45.47 5.25
N LYS D 22 -2.52 -44.43 4.90
CA LYS D 22 -1.90 -43.22 4.33
C LYS D 22 -2.15 -41.99 5.20
N SER D 23 -1.19 -41.07 5.19
CA SER D 23 -1.30 -39.84 5.96
C SER D 23 -1.12 -38.61 5.08
N ASN D 24 -1.23 -38.81 3.76
CA ASN D 24 -1.08 -37.72 2.82
C ASN D 24 -2.39 -36.94 2.69
N ILE D 25 -2.28 -35.64 2.43
CA ILE D 25 -3.46 -34.80 2.28
C ILE D 25 -3.81 -34.67 0.79
N LYS D 26 -4.98 -35.17 0.43
CA LYS D 26 -5.43 -35.12 -0.96
C LYS D 26 -5.70 -33.70 -1.44
N ASP D 27 -5.48 -33.47 -2.72
CA ASP D 27 -5.67 -32.17 -3.35
C ASP D 27 -6.99 -31.48 -3.06
N GLN D 28 -8.06 -32.26 -2.92
CA GLN D 28 -9.38 -31.69 -2.68
C GLN D 28 -9.50 -30.91 -1.37
N TYR D 29 -8.58 -31.15 -0.45
CA TYR D 29 -8.61 -30.47 0.85
C TYR D 29 -7.86 -29.15 0.92
N LYS D 30 -7.16 -28.80 -0.15
CA LYS D 30 -6.39 -27.56 -0.15
C LYS D 30 -7.19 -26.28 0.11
N PRO D 31 -8.34 -26.11 -0.57
CA PRO D 31 -9.12 -24.89 -0.35
C PRO D 31 -9.58 -24.70 1.10
N GLU D 32 -9.92 -25.80 1.76
CA GLU D 32 -10.37 -25.71 3.14
C GLU D 32 -9.20 -25.41 4.08
N ILE D 33 -8.03 -25.95 3.77
CA ILE D 33 -6.85 -25.68 4.59
C ILE D 33 -6.48 -24.23 4.38
N ALA D 34 -6.64 -23.75 3.15
CA ALA D 34 -6.33 -22.35 2.83
C ALA D 34 -7.24 -21.43 3.61
N LYS D 35 -8.50 -21.82 3.78
CA LYS D 35 -9.46 -21.00 4.51
C LYS D 35 -9.08 -20.92 5.98
N VAL D 36 -8.63 -22.04 6.55
CA VAL D 36 -8.20 -22.07 7.94
C VAL D 36 -7.01 -21.14 8.12
N ALA D 37 -6.06 -21.19 7.19
CA ALA D 37 -4.87 -20.35 7.26
C ALA D 37 -5.30 -18.88 7.25
N GLU D 38 -6.27 -18.56 6.41
CA GLU D 38 -6.79 -17.20 6.30
C GLU D 38 -7.34 -16.70 7.63
N LYS D 39 -8.18 -17.51 8.26
CA LYS D 39 -8.78 -17.13 9.53
C LYS D 39 -7.74 -17.03 10.64
N LEU D 40 -6.75 -17.92 10.64
CA LEU D 40 -5.70 -17.87 11.66
C LEU D 40 -4.92 -16.57 11.52
N SER D 41 -4.94 -16.00 10.32
CA SER D 41 -4.26 -14.74 10.07
C SER D 41 -5.16 -13.59 10.53
N GLU D 42 -6.45 -13.73 10.26
CA GLU D 42 -7.45 -12.71 10.64
C GLU D 42 -7.66 -12.65 12.15
N TYR D 43 -7.38 -13.76 12.82
CA TYR D 43 -7.52 -13.86 14.28
C TYR D 43 -6.16 -14.28 14.84
N PRO D 44 -5.25 -13.32 15.01
CA PRO D 44 -3.88 -13.49 15.53
C PRO D 44 -3.73 -14.42 16.72
N ASN D 45 -4.63 -14.33 17.69
CA ASN D 45 -4.53 -15.17 18.87
C ASN D 45 -5.22 -16.53 18.76
N ALA D 46 -5.87 -16.79 17.64
CA ALA D 46 -6.55 -18.07 17.46
C ALA D 46 -5.55 -19.22 17.45
N THR D 47 -5.99 -20.39 17.91
CA THR D 47 -5.14 -21.57 17.92
C THR D 47 -5.93 -22.73 17.33
N ALA D 48 -5.23 -23.80 16.97
CA ALA D 48 -5.90 -24.94 16.38
C ALA D 48 -5.54 -26.24 17.10
N ARG D 49 -6.53 -27.08 17.28
CA ARG D 49 -6.37 -28.37 17.93
C ARG D 49 -6.56 -29.42 16.84
N ILE D 50 -5.44 -29.99 16.36
CA ILE D 50 -5.49 -30.98 15.28
C ILE D 50 -5.44 -32.40 15.85
N GLU D 51 -6.51 -33.16 15.62
CA GLU D 51 -6.60 -34.52 16.13
C GLU D 51 -6.74 -35.56 15.03
N GLY D 52 -5.83 -36.53 15.01
CA GLY D 52 -5.85 -37.58 13.99
C GLY D 52 -6.43 -38.88 14.50
N HIS D 53 -7.00 -39.66 13.58
CA HIS D 53 -7.64 -40.94 13.90
C HIS D 53 -7.40 -42.00 12.83
N THR D 54 -7.69 -43.25 13.17
CA THR D 54 -7.55 -44.37 12.24
C THR D 54 -8.76 -45.28 12.42
N ASP D 55 -8.99 -46.18 11.48
CA ASP D 55 -10.08 -47.14 11.65
C ASP D 55 -9.43 -48.23 12.50
N ASN D 56 -10.15 -49.29 12.85
CA ASN D 56 -9.56 -50.32 13.71
C ASN D 56 -8.84 -51.49 13.04
N THR D 57 -8.33 -51.29 11.83
CA THR D 57 -7.63 -52.35 11.14
C THR D 57 -6.10 -52.22 11.32
N GLY D 58 -5.43 -53.36 11.50
CA GLY D 58 -3.99 -53.33 11.68
C GLY D 58 -3.53 -53.26 13.12
N PRO D 59 -2.22 -53.40 13.37
CA PRO D 59 -1.61 -53.37 14.70
C PRO D 59 -1.89 -52.06 15.44
N ARG D 60 -2.01 -52.15 16.76
CA ARG D 60 -2.27 -50.99 17.59
C ARG D 60 -1.18 -49.92 17.46
N LYS D 61 0.08 -50.31 17.63
CA LYS D 61 1.18 -49.35 17.54
C LYS D 61 1.22 -48.64 16.19
N LEU D 62 0.99 -49.38 15.11
CA LEU D 62 1.00 -48.78 13.78
C LEU D 62 -0.05 -47.67 13.73
N ASN D 63 -1.24 -47.94 14.24
CA ASN D 63 -2.31 -46.96 14.24
C ASN D 63 -2.08 -45.76 15.15
N GLU D 64 -1.36 -45.94 16.25
CA GLU D 64 -1.08 -44.82 17.12
C GLU D 64 -0.18 -43.86 16.35
N ARG D 65 0.83 -44.40 15.68
CA ARG D 65 1.75 -43.58 14.91
C ARG D 65 1.04 -42.95 13.70
N LEU D 66 0.19 -43.72 13.04
CA LEU D 66 -0.54 -43.26 11.87
C LEU D 66 -1.51 -42.12 12.20
N SER D 67 -2.20 -42.25 13.33
CA SER D 67 -3.14 -41.21 13.75
C SER D 67 -2.41 -39.90 14.00
N LEU D 68 -1.25 -39.98 14.66
CA LEU D 68 -0.48 -38.78 14.93
C LEU D 68 0.12 -38.23 13.63
N ALA D 69 0.53 -39.13 12.74
CA ALA D 69 1.10 -38.73 11.47
C ALA D 69 0.07 -37.94 10.66
N ARG D 70 -1.19 -38.38 10.70
CA ARG D 70 -2.25 -37.69 9.98
C ARG D 70 -2.43 -36.28 10.53
N ALA D 71 -2.43 -36.16 11.85
CA ALA D 71 -2.59 -34.85 12.49
C ALA D 71 -1.40 -33.97 12.11
N ASN D 72 -0.20 -34.53 12.17
CA ASN D 72 1.01 -33.79 11.84
C ASN D 72 1.07 -33.38 10.37
N SER D 73 0.39 -34.11 9.50
CA SER D 73 0.40 -33.77 8.07
C SER D 73 -0.39 -32.47 7.86
N VAL D 74 -1.48 -32.32 8.61
CA VAL D 74 -2.30 -31.12 8.51
C VAL D 74 -1.55 -29.93 9.11
N LYS D 75 -0.87 -30.15 10.24
CA LYS D 75 -0.11 -29.09 10.89
C LYS D 75 1.04 -28.68 9.98
N SER D 76 1.71 -29.68 9.41
CA SER D 76 2.84 -29.42 8.52
C SER D 76 2.43 -28.55 7.34
N ALA D 77 1.24 -28.80 6.80
CA ALA D 77 0.74 -28.03 5.67
C ALA D 77 0.57 -26.57 6.07
N LEU D 78 -0.07 -26.34 7.20
CA LEU D 78 -0.30 -24.97 7.68
C LEU D 78 1.02 -24.27 8.00
N VAL D 79 1.94 -24.98 8.63
CA VAL D 79 3.24 -24.42 8.99
C VAL D 79 4.14 -24.17 7.78
N ASN D 80 4.40 -25.22 7.01
CA ASN D 80 5.28 -25.12 5.86
C ASN D 80 4.73 -24.47 4.61
N GLU D 81 3.41 -24.51 4.43
CA GLU D 81 2.81 -23.92 3.23
C GLU D 81 2.20 -22.55 3.47
N TYR D 82 1.78 -22.28 4.71
CA TYR D 82 1.17 -20.99 5.02
C TYR D 82 1.90 -20.21 6.12
N ASN D 83 3.10 -20.67 6.46
CA ASN D 83 3.93 -20.00 7.46
C ASN D 83 3.24 -19.76 8.80
N VAL D 84 2.22 -20.55 9.11
CA VAL D 84 1.51 -20.38 10.38
C VAL D 84 2.46 -20.79 11.51
N ASP D 85 2.48 -19.99 12.58
CA ASP D 85 3.35 -20.28 13.72
C ASP D 85 2.99 -21.65 14.30
N ALA D 86 3.97 -22.56 14.30
CA ALA D 86 3.77 -23.91 14.79
C ALA D 86 3.31 -23.94 16.25
N SER D 87 3.64 -22.90 17.01
CA SER D 87 3.25 -22.86 18.42
C SER D 87 1.74 -22.70 18.61
N ARG D 88 1.05 -22.27 17.55
CA ARG D 88 -0.40 -22.07 17.62
C ARG D 88 -1.16 -23.35 17.26
N LEU D 89 -0.42 -24.37 16.85
CA LEU D 89 -1.03 -25.62 16.43
C LEU D 89 -0.62 -26.82 17.27
N SER D 90 -1.60 -27.51 17.84
CA SER D 90 -1.33 -28.70 18.63
C SER D 90 -1.78 -29.92 17.82
N THR D 91 -1.12 -31.05 18.02
CA THR D 91 -1.46 -32.28 17.32
C THR D 91 -1.51 -33.44 18.29
N GLN D 92 -2.41 -34.38 18.03
CA GLN D 92 -2.58 -35.55 18.88
C GLN D 92 -3.23 -36.68 18.10
N GLY D 93 -2.77 -37.90 18.34
CA GLY D 93 -3.33 -39.05 17.66
C GLY D 93 -4.11 -39.89 18.66
N PHE D 94 -5.26 -40.39 18.23
CA PHE D 94 -6.11 -41.20 19.10
C PHE D 94 -6.26 -42.63 18.60
N ALA D 95 -5.46 -43.00 17.61
CA ALA D 95 -5.55 -44.34 17.03
C ALA D 95 -7.01 -44.57 16.67
N TRP D 96 -7.56 -45.71 17.07
CA TRP D 96 -8.95 -46.04 16.78
C TRP D 96 -9.87 -45.87 17.99
N ASP D 97 -9.41 -45.16 19.01
CA ASP D 97 -10.19 -44.96 20.23
C ASP D 97 -11.43 -44.08 20.14
N GLN D 98 -11.52 -43.24 19.11
CA GLN D 98 -12.68 -42.36 18.99
C GLN D 98 -13.35 -42.44 17.62
N PRO D 99 -14.00 -43.57 17.32
CA PRO D 99 -14.68 -43.75 16.04
C PRO D 99 -15.96 -42.94 15.96
N ILE D 100 -16.27 -42.45 14.77
CA ILE D 100 -17.49 -41.67 14.56
C ILE D 100 -18.41 -42.49 13.66
N ALA D 101 -17.89 -43.62 13.18
CA ALA D 101 -18.64 -44.51 12.31
C ALA D 101 -18.34 -45.98 12.63
N ASP D 102 -19.16 -46.87 12.11
CA ASP D 102 -19.01 -48.31 12.36
C ASP D 102 -17.84 -48.93 11.59
N ASN D 103 -16.85 -49.40 12.34
CA ASN D 103 -15.67 -50.03 11.74
C ASN D 103 -15.96 -51.34 11.02
N LYS D 104 -17.20 -51.80 11.09
CA LYS D 104 -17.57 -53.05 10.44
C LYS D 104 -17.97 -52.89 8.97
N THR D 105 -18.05 -51.66 8.49
CA THR D 105 -18.39 -51.40 7.10
C THR D 105 -17.29 -50.59 6.44
N LYS D 106 -17.26 -50.57 5.11
CA LYS D 106 -16.25 -49.82 4.38
C LYS D 106 -16.39 -48.31 4.53
N GLU D 107 -17.60 -47.79 4.36
CA GLU D 107 -17.81 -46.34 4.50
C GLU D 107 -17.56 -45.97 5.96
N GLY D 108 -17.83 -46.91 6.86
CA GLY D 108 -17.63 -46.66 8.28
C GLY D 108 -16.16 -46.44 8.57
N ARG D 109 -15.33 -47.39 8.16
CA ARG D 109 -13.89 -47.29 8.38
C ARG D 109 -13.36 -46.06 7.63
N ALA D 110 -13.95 -45.78 6.48
CA ALA D 110 -13.54 -44.63 5.68
C ALA D 110 -13.73 -43.34 6.47
N MET D 111 -14.85 -43.23 7.18
CA MET D 111 -15.12 -42.04 7.98
C MET D 111 -14.20 -41.94 9.19
N ASN D 112 -13.72 -43.08 9.68
CA ASN D 112 -12.84 -43.09 10.83
C ASN D 112 -11.40 -42.69 10.54
N ARG D 113 -10.95 -42.90 9.30
CA ARG D 113 -9.59 -42.51 8.91
C ARG D 113 -9.69 -41.00 8.67
N ARG D 114 -9.48 -40.22 9.72
CA ARG D 114 -9.66 -38.78 9.60
C ARG D 114 -8.83 -37.92 10.54
N VAL D 115 -8.88 -36.63 10.27
CA VAL D 115 -8.26 -35.63 11.11
C VAL D 115 -9.35 -34.58 11.29
N PHE D 116 -9.62 -34.24 12.54
CA PHE D 116 -10.61 -33.22 12.86
C PHE D 116 -9.82 -32.11 13.52
N ALA D 117 -9.86 -30.93 12.93
CA ALA D 117 -9.15 -29.78 13.46
C ALA D 117 -10.14 -28.74 13.95
N THR D 118 -9.96 -28.32 15.20
CA THR D 118 -10.83 -27.32 15.79
C THR D 118 -10.04 -26.04 15.99
N ILE D 119 -10.49 -24.97 15.35
CA ILE D 119 -9.83 -23.67 15.46
C ILE D 119 -10.71 -22.75 16.29
N THR D 120 -10.12 -22.11 17.29
CA THR D 120 -10.87 -21.20 18.14
C THR D 120 -10.03 -19.96 18.45
N GLY D 121 -10.71 -18.84 18.62
CA GLY D 121 -10.03 -17.60 18.92
C GLY D 121 -11.00 -16.44 18.93
N SER D 122 -10.49 -15.25 19.23
CA SER D 122 -11.33 -14.07 19.27
C SER D 122 -10.47 -12.84 19.00
N ARG D 123 -11.12 -11.75 18.64
CA ARG D 123 -10.41 -10.51 18.37
C ARG D 123 -11.31 -9.33 18.76
N HIS E 3 -29.17 -17.06 20.62
CA HIS E 3 -29.52 -16.17 19.48
C HIS E 3 -29.92 -16.97 18.26
N MET E 4 -30.63 -16.32 17.34
CA MET E 4 -31.09 -16.93 16.11
C MET E 4 -29.98 -17.67 15.37
N GLU E 5 -30.31 -18.84 14.83
CA GLU E 5 -29.36 -19.65 14.07
C GLU E 5 -29.88 -19.70 12.63
N LEU E 6 -29.05 -19.35 11.68
CA LEU E 6 -29.44 -19.36 10.28
C LEU E 6 -28.30 -19.86 9.39
N THR E 7 -28.62 -20.81 8.52
CA THR E 7 -27.62 -21.34 7.61
C THR E 7 -28.27 -21.71 6.28
N GLU E 8 -27.53 -21.48 5.20
CA GLU E 8 -27.99 -21.84 3.86
C GLU E 8 -26.83 -22.63 3.27
N ASP E 9 -27.12 -23.86 2.84
CA ASP E 9 -26.10 -24.72 2.27
C ASP E 9 -26.24 -24.77 0.76
N LEU E 10 -25.13 -24.56 0.07
CA LEU E 10 -25.09 -24.58 -1.38
C LEU E 10 -24.46 -25.87 -1.85
N ASN E 11 -25.06 -26.48 -2.86
CA ASN E 11 -24.55 -27.71 -3.45
C ASN E 11 -24.77 -27.56 -4.94
N MET E 12 -23.67 -27.52 -5.69
CA MET E 12 -23.74 -27.33 -7.13
C MET E 12 -22.81 -28.31 -7.83
N GLU E 13 -23.26 -28.81 -8.98
CA GLU E 13 -22.48 -29.74 -9.78
C GLU E 13 -22.40 -29.18 -11.19
N LEU E 14 -21.17 -29.04 -11.68
CA LEU E 14 -20.95 -28.53 -13.03
C LEU E 14 -20.30 -29.62 -13.85
N ARG E 15 -20.70 -29.74 -15.11
CA ARG E 15 -20.15 -30.74 -16.01
C ARG E 15 -19.76 -30.06 -17.31
N VAL E 16 -18.51 -30.26 -17.72
CA VAL E 16 -18.01 -29.67 -18.97
C VAL E 16 -17.37 -30.79 -19.78
N PHE E 17 -17.64 -30.83 -21.07
CA PHE E 17 -17.08 -31.86 -21.93
C PHE E 17 -16.15 -31.27 -22.98
N PHE E 18 -15.14 -32.04 -23.38
CA PHE E 18 -14.12 -31.58 -24.31
C PHE E 18 -13.94 -32.44 -25.56
N ASP E 19 -13.34 -31.83 -26.58
CA ASP E 19 -13.06 -32.54 -27.83
C ASP E 19 -11.75 -33.28 -27.62
N THR E 20 -11.51 -34.30 -28.43
CA THR E 20 -10.30 -35.11 -28.33
C THR E 20 -9.03 -34.28 -28.31
N ASN E 21 -8.19 -34.53 -27.32
CA ASN E 21 -6.92 -33.85 -27.14
C ASN E 21 -7.00 -32.34 -26.90
N LYS E 22 -8.18 -31.85 -26.52
CA LYS E 22 -8.36 -30.42 -26.27
C LYS E 22 -8.74 -30.14 -24.82
N SER E 23 -8.34 -28.98 -24.31
CA SER E 23 -8.65 -28.61 -22.93
C SER E 23 -9.37 -27.25 -22.89
N ASN E 24 -9.75 -26.76 -24.06
CA ASN E 24 -10.46 -25.49 -24.13
C ASN E 24 -11.93 -25.68 -23.79
N ILE E 25 -12.51 -24.68 -23.15
CA ILE E 25 -13.92 -24.72 -22.77
C ILE E 25 -14.79 -24.13 -23.88
N LYS E 26 -15.67 -24.95 -24.44
CA LYS E 26 -16.55 -24.48 -25.51
C LYS E 26 -17.45 -23.38 -24.95
N ASP E 27 -17.75 -22.39 -25.78
CA ASP E 27 -18.58 -21.27 -25.33
C ASP E 27 -19.98 -21.65 -24.86
N GLN E 28 -20.46 -22.83 -25.25
CA GLN E 28 -21.78 -23.25 -24.83
C GLN E 28 -21.84 -23.41 -23.31
N TYR E 29 -20.67 -23.54 -22.68
CA TYR E 29 -20.58 -23.70 -21.23
C TYR E 29 -20.44 -22.40 -20.45
N LYS E 30 -20.30 -21.28 -21.15
CA LYS E 30 -20.13 -20.00 -20.49
C LYS E 30 -21.25 -19.63 -19.52
N PRO E 31 -22.52 -19.89 -19.90
CA PRO E 31 -23.61 -19.55 -18.98
C PRO E 31 -23.49 -20.29 -17.64
N GLU E 32 -23.17 -21.57 -17.70
CA GLU E 32 -23.03 -22.38 -16.49
C GLU E 32 -21.85 -21.93 -15.64
N ILE E 33 -20.74 -21.59 -16.29
CA ILE E 33 -19.57 -21.13 -15.55
C ILE E 33 -19.90 -19.81 -14.88
N ALA E 34 -20.68 -18.98 -15.56
CA ALA E 34 -21.06 -17.69 -15.00
C ALA E 34 -21.94 -17.91 -13.77
N LYS E 35 -22.86 -18.87 -13.85
CA LYS E 35 -23.75 -19.17 -12.73
C LYS E 35 -22.94 -19.65 -11.53
N VAL E 36 -21.92 -20.46 -11.77
CA VAL E 36 -21.06 -20.95 -10.69
C VAL E 36 -20.36 -19.77 -10.04
N ALA E 37 -19.85 -18.86 -10.85
CA ALA E 37 -19.17 -17.67 -10.34
C ALA E 37 -20.14 -16.84 -9.50
N GLU E 38 -21.37 -16.75 -9.96
CA GLU E 38 -22.40 -15.99 -9.24
C GLU E 38 -22.58 -16.57 -7.84
N LYS E 39 -22.77 -17.88 -7.76
CA LYS E 39 -22.95 -18.51 -6.46
C LYS E 39 -21.72 -18.43 -5.56
N LEU E 40 -20.53 -18.41 -6.15
CA LEU E 40 -19.31 -18.33 -5.36
C LEU E 40 -19.21 -16.95 -4.71
N SER E 41 -19.89 -15.98 -5.30
CA SER E 41 -19.90 -14.62 -4.77
C SER E 41 -20.97 -14.51 -3.68
N GLU E 42 -22.09 -15.19 -3.89
CA GLU E 42 -23.20 -15.18 -2.93
C GLU E 42 -22.89 -16.02 -1.70
N TYR E 43 -22.00 -17.01 -1.86
CA TYR E 43 -21.56 -17.88 -0.79
C TYR E 43 -20.04 -17.74 -0.76
N PRO E 44 -19.54 -16.58 -0.31
CA PRO E 44 -18.10 -16.30 -0.23
C PRO E 44 -17.18 -17.34 0.39
N ASN E 45 -17.74 -18.23 1.21
CA ASN E 45 -16.91 -19.26 1.83
C ASN E 45 -16.92 -20.58 1.09
N ALA E 46 -17.79 -20.70 0.08
CA ALA E 46 -17.85 -21.95 -0.69
C ALA E 46 -16.55 -22.22 -1.44
N THR E 47 -16.25 -23.49 -1.64
CA THR E 47 -15.05 -23.91 -2.35
C THR E 47 -15.46 -24.82 -3.51
N ALA E 48 -14.54 -25.06 -4.43
CA ALA E 48 -14.85 -25.92 -5.57
C ALA E 48 -13.79 -26.99 -5.74
N ARG E 49 -14.26 -28.21 -6.03
CA ARG E 49 -13.40 -29.36 -6.25
C ARG E 49 -13.58 -29.66 -7.73
N ILE E 50 -12.58 -29.29 -8.53
CA ILE E 50 -12.62 -29.48 -9.97
C ILE E 50 -11.76 -30.68 -10.36
N GLU E 51 -12.36 -31.64 -11.05
CA GLU E 51 -11.64 -32.85 -11.45
C GLU E 51 -11.75 -33.12 -12.95
N GLY E 52 -10.59 -33.25 -13.59
CA GLY E 52 -10.54 -33.48 -15.03
C GLY E 52 -10.32 -34.94 -15.40
N HIS E 53 -10.74 -35.32 -16.59
CA HIS E 53 -10.64 -36.70 -17.04
C HIS E 53 -10.40 -36.77 -18.55
N THR E 54 -10.06 -37.97 -19.03
CA THR E 54 -9.82 -38.20 -20.44
C THR E 54 -10.41 -39.57 -20.81
N ASP E 55 -10.54 -39.85 -22.10
CA ASP E 55 -11.01 -41.16 -22.50
C ASP E 55 -9.69 -41.96 -22.48
N ASN E 56 -9.73 -43.25 -22.75
CA ASN E 56 -8.51 -44.05 -22.67
C ASN E 56 -7.62 -44.14 -23.91
N THR E 57 -7.75 -43.19 -24.85
CA THR E 57 -6.90 -43.23 -26.04
C THR E 57 -5.63 -42.42 -25.86
N GLY E 58 -4.51 -42.94 -26.37
CA GLY E 58 -3.26 -42.23 -26.24
C GLY E 58 -2.46 -42.63 -25.01
N PRO E 59 -1.20 -42.20 -24.91
CA PRO E 59 -0.30 -42.50 -23.79
C PRO E 59 -0.75 -41.96 -22.43
N ARG E 60 -0.40 -42.69 -21.39
CA ARG E 60 -0.77 -42.35 -20.01
C ARG E 60 -0.36 -40.93 -19.58
N LYS E 61 0.91 -40.61 -19.69
CA LYS E 61 1.40 -39.30 -19.27
C LYS E 61 0.71 -38.14 -19.98
N LEU E 62 0.47 -38.28 -21.28
CA LEU E 62 -0.21 -37.23 -22.02
C LEU E 62 -1.59 -36.99 -21.42
N ASN E 63 -2.27 -38.07 -21.08
CA ASN E 63 -3.62 -37.99 -20.50
C ASN E 63 -3.63 -37.49 -19.06
N GLU E 64 -2.56 -37.76 -18.33
CA GLU E 64 -2.48 -37.29 -16.96
C GLU E 64 -2.39 -35.77 -17.04
N ARG E 65 -1.58 -35.27 -17.98
CA ARG E 65 -1.43 -33.83 -18.16
C ARG E 65 -2.69 -33.20 -18.75
N LEU E 66 -3.31 -33.89 -19.69
CA LEU E 66 -4.52 -33.39 -20.34
C LEU E 66 -5.68 -33.28 -19.36
N SER E 67 -5.86 -34.31 -18.53
CA SER E 67 -6.95 -34.29 -17.56
C SER E 67 -6.76 -33.14 -16.57
N LEU E 68 -5.52 -32.90 -16.17
CA LEU E 68 -5.25 -31.80 -15.25
C LEU E 68 -5.45 -30.47 -15.96
N ALA E 69 -5.06 -30.42 -17.23
CA ALA E 69 -5.21 -29.19 -18.02
C ALA E 69 -6.68 -28.83 -18.14
N ARG E 70 -7.53 -29.84 -18.28
CA ARG E 70 -8.95 -29.59 -18.40
C ARG E 70 -9.50 -29.02 -17.10
N ALA E 71 -9.07 -29.56 -15.98
CA ALA E 71 -9.53 -29.06 -14.69
C ALA E 71 -9.04 -27.63 -14.52
N ASN E 72 -7.80 -27.38 -14.91
CA ASN E 72 -7.25 -26.03 -14.79
C ASN E 72 -7.91 -25.01 -15.71
N SER E 73 -8.48 -25.45 -16.83
CA SER E 73 -9.16 -24.51 -17.72
C SER E 73 -10.41 -23.96 -17.06
N VAL E 74 -11.07 -24.79 -16.26
CA VAL E 74 -12.28 -24.36 -15.56
C VAL E 74 -11.87 -23.41 -14.44
N LYS E 75 -10.82 -23.76 -13.72
CA LYS E 75 -10.34 -22.90 -12.64
C LYS E 75 -9.90 -21.55 -13.22
N SER E 76 -9.18 -21.60 -14.35
CA SER E 76 -8.71 -20.38 -14.99
C SER E 76 -9.84 -19.47 -15.46
N ALA E 77 -10.92 -20.06 -15.94
CA ALA E 77 -12.05 -19.26 -16.39
C ALA E 77 -12.63 -18.51 -15.19
N LEU E 78 -12.78 -19.21 -14.08
CA LEU E 78 -13.34 -18.58 -12.88
C LEU E 78 -12.44 -17.47 -12.34
N VAL E 79 -11.13 -17.72 -12.32
CA VAL E 79 -10.17 -16.74 -11.82
C VAL E 79 -9.96 -15.56 -12.78
N ASN E 80 -9.68 -15.87 -14.04
CA ASN E 80 -9.44 -14.84 -15.05
C ASN E 80 -10.65 -13.99 -15.40
N GLU E 81 -11.78 -14.65 -15.64
CA GLU E 81 -12.97 -13.93 -16.05
C GLU E 81 -13.86 -13.39 -14.93
N TYR E 82 -13.92 -14.08 -13.81
CA TYR E 82 -14.79 -13.63 -12.73
C TYR E 82 -14.13 -13.19 -11.44
N ASN E 83 -12.80 -13.12 -11.45
CA ASN E 83 -12.07 -12.67 -10.28
C ASN E 83 -12.27 -13.53 -9.03
N VAL E 84 -12.51 -14.82 -9.22
CA VAL E 84 -12.69 -15.72 -8.08
C VAL E 84 -11.31 -16.00 -7.48
N ASP E 85 -11.22 -15.99 -6.15
CA ASP E 85 -9.96 -16.26 -5.47
C ASP E 85 -9.53 -17.68 -5.82
N ALA E 86 -8.36 -17.81 -6.44
CA ALA E 86 -7.86 -19.11 -6.87
C ALA E 86 -7.76 -20.15 -5.75
N SER E 87 -7.43 -19.71 -4.54
CA SER E 87 -7.28 -20.64 -3.42
C SER E 87 -8.56 -21.36 -3.01
N ARG E 88 -9.71 -20.88 -3.50
CA ARG E 88 -10.98 -21.50 -3.17
C ARG E 88 -11.29 -22.68 -4.09
N LEU E 89 -10.43 -22.85 -5.09
CA LEU E 89 -10.63 -23.89 -6.10
C LEU E 89 -9.49 -24.89 -6.18
N SER E 90 -9.80 -26.17 -6.12
CA SER E 90 -8.78 -27.20 -6.25
C SER E 90 -8.94 -27.82 -7.63
N THR E 91 -7.81 -28.27 -8.20
CA THR E 91 -7.84 -28.92 -9.50
C THR E 91 -7.04 -30.21 -9.43
N GLN E 92 -7.53 -31.23 -10.12
CA GLN E 92 -6.85 -32.53 -10.15
C GLN E 92 -7.26 -33.29 -11.41
N GLY E 93 -6.29 -33.98 -12.01
CA GLY E 93 -6.57 -34.76 -13.19
C GLY E 93 -6.51 -36.23 -12.86
N PHE E 94 -7.40 -37.02 -13.44
CA PHE E 94 -7.45 -38.46 -13.17
C PHE E 94 -7.23 -39.30 -14.41
N ALA E 95 -6.75 -38.69 -15.49
CA ALA E 95 -6.51 -39.42 -16.74
C ALA E 95 -7.77 -40.23 -17.06
N TRP E 96 -7.61 -41.51 -17.39
CA TRP E 96 -8.74 -42.36 -17.75
C TRP E 96 -9.19 -43.31 -16.63
N ASP E 97 -8.76 -43.05 -15.40
CA ASP E 97 -9.10 -43.92 -14.29
C ASP E 97 -10.56 -43.92 -13.84
N GLN E 98 -11.33 -42.90 -14.19
CA GLN E 98 -12.72 -42.83 -13.77
C GLN E 98 -13.69 -42.62 -14.91
N PRO E 99 -13.88 -43.63 -15.77
CA PRO E 99 -14.80 -43.48 -16.89
C PRO E 99 -16.26 -43.49 -16.44
N ILE E 100 -17.11 -42.78 -17.17
CA ILE E 100 -18.53 -42.77 -16.86
C ILE E 100 -19.28 -43.34 -18.06
N ALA E 101 -18.52 -43.81 -19.04
CA ALA E 101 -19.10 -44.37 -20.26
C ALA E 101 -18.11 -45.35 -20.91
N ASP E 102 -18.60 -46.10 -21.90
CA ASP E 102 -17.80 -47.08 -22.62
C ASP E 102 -16.78 -46.46 -23.56
N ASN E 103 -15.50 -46.73 -23.33
CA ASN E 103 -14.44 -46.18 -24.16
C ASN E 103 -14.37 -46.80 -25.56
N LYS E 104 -15.12 -47.88 -25.77
CA LYS E 104 -15.13 -48.55 -27.07
C LYS E 104 -15.98 -47.85 -28.11
N THR E 105 -16.82 -46.91 -27.69
CA THR E 105 -17.67 -46.18 -28.63
C THR E 105 -17.31 -44.70 -28.67
N LYS E 106 -17.62 -44.05 -29.78
CA LYS E 106 -17.36 -42.63 -29.93
C LYS E 106 -18.14 -41.82 -28.91
N GLU E 107 -19.42 -42.15 -28.76
CA GLU E 107 -20.29 -41.46 -27.82
C GLU E 107 -19.78 -41.64 -26.38
N GLY E 108 -19.27 -42.83 -26.09
CA GLY E 108 -18.77 -43.12 -24.76
C GLY E 108 -17.51 -42.34 -24.45
N ARG E 109 -16.55 -42.35 -25.38
CA ARG E 109 -15.32 -41.61 -25.18
C ARG E 109 -15.64 -40.13 -25.00
N ALA E 110 -16.66 -39.64 -25.71
CA ALA E 110 -17.06 -38.25 -25.61
C ALA E 110 -17.49 -37.90 -24.19
N MET E 111 -18.14 -38.84 -23.52
CA MET E 111 -18.60 -38.62 -22.15
C MET E 111 -17.43 -38.63 -21.18
N ASN E 112 -16.39 -39.39 -21.51
CA ASN E 112 -15.23 -39.50 -20.62
C ASN E 112 -14.29 -38.29 -20.65
N ARG E 113 -14.29 -37.54 -21.75
CA ARG E 113 -13.45 -36.34 -21.88
C ARG E 113 -14.24 -35.25 -21.17
N ARG E 114 -13.99 -35.10 -19.88
CA ARG E 114 -14.78 -34.17 -19.11
C ARG E 114 -14.13 -33.62 -17.85
N VAL E 115 -14.84 -32.67 -17.26
CA VAL E 115 -14.47 -32.08 -15.98
C VAL E 115 -15.77 -32.10 -15.18
N PHE E 116 -15.68 -32.63 -13.97
CA PHE E 116 -16.81 -32.66 -13.05
C PHE E 116 -16.34 -31.72 -11.94
N ALA E 117 -17.15 -30.73 -11.60
CA ALA E 117 -16.80 -29.81 -10.52
C ALA E 117 -17.93 -29.82 -9.51
N THR E 118 -17.57 -29.85 -8.23
CA THR E 118 -18.56 -29.84 -7.16
C THR E 118 -18.29 -28.61 -6.31
N ILE E 119 -19.30 -27.76 -6.19
CA ILE E 119 -19.17 -26.54 -5.40
C ILE E 119 -20.05 -26.69 -4.16
N THR E 120 -19.48 -26.47 -2.98
CA THR E 120 -20.23 -26.60 -1.75
C THR E 120 -19.80 -25.55 -0.74
N GLY E 121 -20.70 -25.21 0.15
CA GLY E 121 -20.39 -24.22 1.16
C GLY E 121 -21.66 -23.71 1.80
N SER E 122 -21.51 -22.92 2.84
CA SER E 122 -22.68 -22.39 3.52
C SER E 122 -22.46 -20.93 3.87
N ARG E 123 -23.55 -20.24 4.19
CA ARG E 123 -23.49 -18.84 4.59
C ARG E 123 -24.53 -18.64 5.70
N SER F 2 19.85 8.98 -14.77
CA SER F 2 18.40 8.91 -15.06
C SER F 2 18.05 9.73 -16.30
N HIS F 3 16.76 9.87 -16.59
CA HIS F 3 16.32 10.64 -17.74
C HIS F 3 15.94 12.05 -17.32
N MET F 4 16.61 12.58 -16.30
CA MET F 4 16.28 13.91 -15.82
C MET F 4 17.45 14.67 -15.22
N GLU F 5 17.60 15.93 -15.63
CA GLU F 5 18.62 16.83 -15.13
C GLU F 5 17.87 17.96 -14.45
N LEU F 6 18.23 18.27 -13.21
CA LEU F 6 17.56 19.32 -12.48
C LEU F 6 18.54 20.11 -11.62
N THR F 7 18.54 21.43 -11.78
CA THR F 7 19.42 22.27 -11.00
C THR F 7 18.72 23.58 -10.67
N GLU F 8 19.03 24.13 -9.50
CA GLU F 8 18.48 25.40 -9.07
C GLU F 8 19.69 26.24 -8.69
N ASP F 9 19.79 27.45 -9.25
CA ASP F 9 20.92 28.32 -8.96
C ASP F 9 20.51 29.48 -8.06
N LEU F 10 21.24 29.63 -6.97
CA LEU F 10 20.99 30.68 -6.00
C LEU F 10 21.89 31.89 -6.23
N ASN F 11 21.30 33.07 -6.17
CA ASN F 11 22.04 34.30 -6.32
C ASN F 11 21.48 35.32 -5.32
N MET F 12 22.34 35.84 -4.46
CA MET F 12 21.90 36.82 -3.47
C MET F 12 22.97 37.89 -3.34
N GLU F 13 22.53 39.10 -3.05
CA GLU F 13 23.45 40.19 -2.81
C GLU F 13 22.94 40.90 -1.57
N LEU F 14 23.78 40.95 -0.55
CA LEU F 14 23.44 41.60 0.70
C LEU F 14 24.34 42.81 0.78
N ARG F 15 23.75 43.97 1.09
CA ARG F 15 24.50 45.21 1.20
C ARG F 15 24.30 45.78 2.60
N VAL F 16 25.40 45.96 3.33
CA VAL F 16 25.34 46.49 4.69
C VAL F 16 26.16 47.78 4.72
N PHE F 17 25.59 48.82 5.33
CA PHE F 17 26.28 50.11 5.41
C PHE F 17 26.68 50.43 6.85
N PHE F 18 27.78 51.18 6.98
CA PHE F 18 28.35 51.51 8.29
C PHE F 18 28.56 53.00 8.53
N ASP F 19 28.60 53.39 9.80
CA ASP F 19 28.86 54.77 10.16
C ASP F 19 30.37 54.99 10.09
N THR F 20 30.79 56.24 10.01
CA THR F 20 32.22 56.55 9.92
C THR F 20 33.05 55.89 11.02
N ASN F 21 34.13 55.24 10.60
CA ASN F 21 35.06 54.56 11.50
C ASN F 21 34.46 53.40 12.29
N LYS F 22 33.28 52.93 11.88
CA LYS F 22 32.63 51.82 12.59
C LYS F 22 32.56 50.57 11.72
N SER F 23 32.58 49.41 12.37
CA SER F 23 32.49 48.14 11.63
C SER F 23 31.42 47.22 12.20
N ASN F 24 30.59 47.77 13.09
CA ASN F 24 29.52 46.97 13.69
C ASN F 24 28.31 46.93 12.76
N ILE F 25 27.61 45.80 12.75
CA ILE F 25 26.41 45.64 11.93
C ILE F 25 25.21 46.09 12.74
N LYS F 26 24.47 47.07 12.23
CA LYS F 26 23.29 47.56 12.94
C LYS F 26 22.21 46.48 12.97
N ASP F 27 21.43 46.43 14.05
CA ASP F 27 20.38 45.43 14.19
C ASP F 27 19.38 45.43 13.04
N GLN F 28 19.21 46.57 12.37
CA GLN F 28 18.26 46.62 11.26
C GLN F 28 18.57 45.61 10.16
N TYR F 29 19.82 45.17 10.10
CA TYR F 29 20.24 44.20 9.08
C TYR F 29 20.05 42.74 9.46
N LYS F 30 19.69 42.48 10.71
CA LYS F 30 19.54 41.10 11.16
C LYS F 30 18.59 40.23 10.32
N PRO F 31 17.41 40.76 9.94
CA PRO F 31 16.53 39.91 9.14
C PRO F 31 17.15 39.52 7.80
N GLU F 32 17.89 40.44 7.18
CA GLU F 32 18.54 40.15 5.91
C GLU F 32 19.62 39.09 6.09
N ILE F 33 20.38 39.21 7.17
CA ILE F 33 21.44 38.25 7.45
C ILE F 33 20.83 36.88 7.75
N ALA F 34 19.70 36.87 8.44
CA ALA F 34 19.03 35.61 8.78
C ALA F 34 18.56 34.93 7.51
N LYS F 35 18.11 35.75 6.54
CA LYS F 35 17.63 35.23 5.26
C LYS F 35 18.79 34.60 4.51
N VAL F 36 19.95 35.25 4.56
CA VAL F 36 21.12 34.72 3.89
C VAL F 36 21.44 33.37 4.51
N ALA F 37 21.41 33.30 5.84
CA ALA F 37 21.69 32.06 6.53
C ALA F 37 20.73 30.94 6.12
N GLU F 38 19.45 31.29 5.99
CA GLU F 38 18.44 30.31 5.59
C GLU F 38 18.77 29.70 4.22
N LYS F 39 19.08 30.56 3.26
CA LYS F 39 19.41 30.08 1.93
C LYS F 39 20.70 29.29 1.88
N LEU F 40 21.65 29.63 2.75
CA LEU F 40 22.91 28.88 2.79
C LEU F 40 22.63 27.48 3.32
N SER F 41 21.54 27.34 4.07
CA SER F 41 21.16 26.04 4.60
C SER F 41 20.42 25.25 3.51
N GLU F 42 19.59 25.94 2.75
CA GLU F 42 18.81 25.34 1.67
C GLU F 42 19.67 24.97 0.46
N TYR F 43 20.81 25.65 0.33
CA TYR F 43 21.77 25.41 -0.76
C TYR F 43 23.08 25.16 -0.04
N PRO F 44 23.21 23.99 0.58
CA PRO F 44 24.41 23.60 1.33
C PRO F 44 25.77 23.77 0.66
N ASN F 45 25.81 23.78 -0.67
CA ASN F 45 27.09 23.95 -1.35
C ASN F 45 27.37 25.40 -1.75
N ALA F 46 26.42 26.30 -1.46
CA ALA F 46 26.61 27.71 -1.81
C ALA F 46 27.71 28.33 -0.98
N THR F 47 28.32 29.38 -1.52
CA THR F 47 29.40 30.07 -0.82
C THR F 47 29.15 31.58 -0.90
N ALA F 48 29.85 32.34 -0.07
CA ALA F 48 29.67 33.79 -0.08
C ALA F 48 30.98 34.53 -0.23
N ARG F 49 30.98 35.54 -1.09
CA ARG F 49 32.14 36.39 -1.32
C ARG F 49 31.77 37.72 -0.64
N ILE F 50 32.38 37.98 0.51
CA ILE F 50 32.11 39.18 1.30
C ILE F 50 33.22 40.21 1.09
N GLU F 51 32.85 41.39 0.61
CA GLU F 51 33.83 42.44 0.34
C GLU F 51 33.50 43.73 1.08
N GLY F 52 34.48 44.22 1.84
CA GLY F 52 34.30 45.44 2.62
C GLY F 52 35.01 46.64 2.01
N HIS F 53 34.48 47.82 2.31
CA HIS F 53 35.00 49.07 1.77
C HIS F 53 34.91 50.24 2.74
N THR F 54 35.59 51.34 2.41
CA THR F 54 35.56 52.54 3.25
C THR F 54 35.44 53.76 2.34
N ASP F 55 35.14 54.93 2.90
CA ASP F 55 35.12 56.11 2.07
C ASP F 55 36.60 56.53 2.07
N ASN F 56 36.95 57.61 1.39
CA ASN F 56 38.35 58.01 1.30
C ASN F 56 38.92 58.92 2.38
N THR F 57 38.27 59.01 3.53
CA THR F 57 38.78 59.85 4.61
C THR F 57 39.69 59.07 5.55
N GLY F 58 40.73 59.72 6.05
CA GLY F 58 41.65 59.05 6.97
C GLY F 58 42.80 58.32 6.32
N PRO F 59 43.75 57.79 7.12
CA PRO F 59 44.96 57.06 6.73
C PRO F 59 44.69 55.80 5.90
N ARG F 60 45.60 55.50 4.99
CA ARG F 60 45.48 54.34 4.11
C ARG F 60 45.36 53.01 4.86
N LYS F 61 46.37 52.67 5.65
CA LYS F 61 46.35 51.41 6.39
C LYS F 61 45.15 51.28 7.32
N LEU F 62 44.76 52.37 7.96
CA LEU F 62 43.61 52.33 8.86
C LEU F 62 42.38 51.89 8.08
N ASN F 63 42.24 52.42 6.87
CA ASN F 63 41.10 52.06 6.04
C ASN F 63 41.22 50.68 5.42
N GLU F 64 42.44 50.20 5.22
CA GLU F 64 42.61 48.86 4.67
C GLU F 64 42.06 47.91 5.75
N ARG F 65 42.45 48.17 6.99
CA ARG F 65 42.02 47.36 8.12
C ARG F 65 40.52 47.48 8.39
N LEU F 66 39.99 48.69 8.28
CA LEU F 66 38.57 48.91 8.52
C LEU F 66 37.70 48.21 7.48
N SER F 67 38.11 48.28 6.22
CA SER F 67 37.33 47.63 5.17
C SER F 67 37.27 46.12 5.40
N LEU F 68 38.37 45.54 5.87
CA LEU F 68 38.39 44.11 6.14
C LEU F 68 37.57 43.78 7.38
N ALA F 69 37.65 44.65 8.39
CA ALA F 69 36.88 44.42 9.61
C ALA F 69 35.40 44.42 9.31
N ARG F 70 34.98 45.29 8.40
CA ARG F 70 33.57 45.36 8.03
C ARG F 70 33.15 44.03 7.41
N ALA F 71 33.97 43.51 6.51
CA ALA F 71 33.66 42.24 5.87
C ALA F 71 33.64 41.12 6.92
N ASN F 72 34.59 41.15 7.85
CA ASN F 72 34.64 40.11 8.87
C ASN F 72 33.47 40.16 9.86
N SER F 73 32.83 41.32 9.99
CA SER F 73 31.69 41.41 10.90
C SER F 73 30.52 40.63 10.33
N VAL F 74 30.37 40.66 9.00
CA VAL F 74 29.29 39.91 8.37
C VAL F 74 29.59 38.41 8.44
N LYS F 75 30.84 38.03 8.20
CA LYS F 75 31.19 36.63 8.28
C LYS F 75 30.98 36.16 9.71
N SER F 76 31.41 36.96 10.68
CA SER F 76 31.26 36.59 12.08
C SER F 76 29.79 36.35 12.46
N ALA F 77 28.91 37.19 11.94
CA ALA F 77 27.48 37.05 12.22
C ALA F 77 26.98 35.69 11.71
N LEU F 78 27.29 35.38 10.46
CA LEU F 78 26.87 34.14 9.85
C LEU F 78 27.44 32.91 10.57
N VAL F 79 28.71 32.98 10.94
CA VAL F 79 29.36 31.87 11.61
C VAL F 79 28.93 31.64 13.07
N ASN F 80 28.95 32.70 13.86
CA ASN F 80 28.63 32.58 15.28
C ASN F 80 27.17 32.61 15.66
N GLU F 81 26.37 33.37 14.92
CA GLU F 81 24.94 33.47 15.20
C GLU F 81 24.10 32.44 14.45
N TYR F 82 24.55 32.07 13.25
CA TYR F 82 23.79 31.13 12.43
C TYR F 82 24.50 29.81 12.15
N ASN F 83 25.64 29.62 12.79
CA ASN F 83 26.42 28.39 12.68
C ASN F 83 26.79 27.98 11.26
N VAL F 84 27.02 28.96 10.39
CA VAL F 84 27.42 28.64 9.02
C VAL F 84 28.89 28.27 9.06
N ASP F 85 29.28 27.26 8.28
CA ASP F 85 30.67 26.83 8.24
C ASP F 85 31.53 27.98 7.72
N ALA F 86 32.52 28.38 8.50
CA ALA F 86 33.40 29.49 8.13
C ALA F 86 34.09 29.30 6.79
N SER F 87 34.38 28.05 6.43
CA SER F 87 35.06 27.75 5.17
C SER F 87 34.27 28.12 3.93
N ARG F 88 32.96 28.29 4.07
CA ARG F 88 32.10 28.63 2.94
C ARG F 88 32.09 30.13 2.64
N LEU F 89 32.75 30.90 3.50
CA LEU F 89 32.76 32.35 3.37
C LEU F 89 34.14 32.99 3.26
N SER F 90 34.33 33.86 2.28
CA SER F 90 35.60 34.54 2.13
C SER F 90 35.39 36.01 2.49
N THR F 91 36.43 36.65 3.01
CA THR F 91 36.34 38.07 3.35
C THR F 91 37.53 38.80 2.78
N GLN F 92 37.30 40.03 2.34
CA GLN F 92 38.36 40.85 1.78
C GLN F 92 37.99 42.32 1.88
N GLY F 93 38.99 43.16 2.13
CA GLY F 93 38.76 44.59 2.24
C GLY F 93 39.47 45.29 1.10
N PHE F 94 38.86 46.35 0.58
CA PHE F 94 39.42 47.10 -0.54
C PHE F 94 39.72 48.56 -0.21
N ALA F 95 39.69 48.90 1.08
CA ALA F 95 39.91 50.27 1.50
C ALA F 95 38.99 51.16 0.68
N TRP F 96 39.53 52.24 0.13
CA TRP F 96 38.74 53.17 -0.67
C TRP F 96 38.95 53.00 -2.17
N ASP F 97 39.53 51.87 -2.57
CA ASP F 97 39.82 51.65 -3.98
C ASP F 97 38.65 51.38 -4.93
N GLN F 98 37.49 51.01 -4.40
CA GLN F 98 36.35 50.73 -5.26
C GLN F 98 35.10 51.48 -4.83
N PRO F 99 35.11 52.80 -5.01
CA PRO F 99 33.93 53.57 -4.59
C PRO F 99 32.74 53.30 -5.52
N ILE F 100 31.54 53.40 -4.98
CA ILE F 100 30.35 53.22 -5.79
C ILE F 100 29.64 54.56 -5.85
N ALA F 101 30.22 55.54 -5.15
CA ALA F 101 29.66 56.89 -5.11
C ALA F 101 30.78 57.92 -4.95
N ASP F 102 30.43 59.18 -5.13
CA ASP F 102 31.38 60.29 -5.01
C ASP F 102 31.72 60.67 -3.57
N ASN F 103 32.99 60.51 -3.20
CA ASN F 103 33.44 60.83 -1.84
C ASN F 103 33.36 62.31 -1.48
N LYS F 104 33.06 63.16 -2.46
CA LYS F 104 32.99 64.60 -2.21
C LYS F 104 31.72 65.02 -1.46
N THR F 105 30.75 64.12 -1.35
CA THR F 105 29.52 64.44 -0.64
C THR F 105 29.34 63.51 0.55
N LYS F 106 28.65 63.98 1.59
CA LYS F 106 28.45 63.13 2.76
C LYS F 106 27.59 61.92 2.40
N GLU F 107 26.68 62.10 1.44
CA GLU F 107 25.81 61.00 1.02
C GLU F 107 26.64 59.96 0.29
N GLY F 108 27.61 60.44 -0.50
CA GLY F 108 28.48 59.56 -1.26
C GLY F 108 29.41 58.76 -0.36
N ARG F 109 29.99 59.42 0.63
CA ARG F 109 30.88 58.73 1.54
C ARG F 109 30.09 57.66 2.30
N ALA F 110 28.85 57.99 2.65
CA ALA F 110 27.99 57.06 3.37
C ALA F 110 27.77 55.80 2.54
N MET F 111 27.57 55.97 1.25
CA MET F 111 27.37 54.84 0.33
C MET F 111 28.62 53.98 0.22
N ASN F 112 29.79 54.61 0.33
CA ASN F 112 31.04 53.87 0.20
C ASN F 112 31.42 53.04 1.42
N ARG F 113 30.93 53.43 2.59
CA ARG F 113 31.20 52.69 3.83
C ARG F 113 30.25 51.50 3.78
N ARG F 114 30.68 50.44 3.13
CA ARG F 114 29.81 49.29 2.93
C ARG F 114 30.49 47.93 2.84
N VAL F 115 29.65 46.91 2.85
CA VAL F 115 30.06 45.53 2.66
C VAL F 115 29.01 44.96 1.71
N PHE F 116 29.48 44.36 0.62
CA PHE F 116 28.60 43.72 -0.34
C PHE F 116 28.94 42.25 -0.24
N ALA F 117 27.95 41.44 0.10
CA ALA F 117 28.16 40.00 0.23
C ALA F 117 27.40 39.34 -0.92
N THR F 118 28.14 38.60 -1.74
CA THR F 118 27.54 37.92 -2.88
C THR F 118 27.49 36.41 -2.63
N ILE F 119 26.29 35.85 -2.64
CA ILE F 119 26.10 34.43 -2.40
C ILE F 119 25.71 33.74 -3.69
N THR F 120 26.44 32.67 -4.05
CA THR F 120 26.17 31.92 -5.25
C THR F 120 26.30 30.44 -4.95
N GLY F 121 25.56 29.61 -5.71
CA GLY F 121 25.64 28.18 -5.49
C GLY F 121 24.46 27.51 -6.15
N SER F 122 24.51 26.19 -6.26
CA SER F 122 23.44 25.43 -6.90
C SER F 122 23.11 24.19 -6.09
N ARG F 123 21.95 23.61 -6.37
CA ARG F 123 21.51 22.38 -5.73
C ARG F 123 20.71 21.59 -6.76
N SER G 2 15.38 48.65 0.07
CA SER G 2 15.86 47.25 0.20
C SER G 2 17.39 47.19 0.14
N HIS G 3 17.97 46.35 0.98
CA HIS G 3 19.43 46.18 1.02
C HIS G 3 19.82 44.76 0.64
N MET G 4 18.88 44.00 0.10
CA MET G 4 19.19 42.62 -0.28
C MET G 4 18.21 42.05 -1.28
N GLU G 5 18.74 41.45 -2.34
CA GLU G 5 17.91 40.80 -3.34
C GLU G 5 18.32 39.35 -3.43
N LEU G 6 17.37 38.50 -3.80
CA LEU G 6 17.63 37.07 -3.89
C LEU G 6 16.83 36.51 -5.05
N THR G 7 17.46 35.64 -5.83
CA THR G 7 16.78 34.99 -6.94
C THR G 7 17.23 33.55 -7.01
N GLU G 8 16.36 32.71 -7.55
CA GLU G 8 16.66 31.30 -7.72
C GLU G 8 16.25 30.98 -9.15
N ASP G 9 17.16 30.38 -9.90
CA ASP G 9 16.87 30.02 -11.28
C ASP G 9 16.71 28.51 -11.41
N LEU G 10 15.62 28.09 -12.03
CA LEU G 10 15.33 26.68 -12.22
C LEU G 10 15.75 26.26 -13.63
N ASN G 11 16.42 25.12 -13.73
CA ASN G 11 16.85 24.60 -15.02
C ASN G 11 16.65 23.09 -14.99
N MET G 12 15.76 22.60 -15.83
CA MET G 12 15.49 21.16 -15.88
C MET G 12 15.51 20.64 -17.30
N GLU G 13 15.86 19.35 -17.40
CA GLU G 13 15.88 18.67 -18.69
C GLU G 13 15.23 17.32 -18.45
N LEU G 14 14.19 17.04 -19.24
CA LEU G 14 13.46 15.78 -19.13
C LEU G 14 13.57 15.06 -20.47
N ARG G 15 13.84 13.76 -20.42
CA ARG G 15 13.96 12.95 -21.64
C ARG G 15 13.02 11.76 -21.49
N VAL G 16 12.19 11.54 -22.50
CA VAL G 16 11.26 10.42 -22.51
C VAL G 16 11.47 9.69 -23.82
N PHE G 17 11.51 8.36 -23.78
CA PHE G 17 11.74 7.58 -24.98
C PHE G 17 10.52 6.74 -25.33
N PHE G 18 10.37 6.46 -26.62
CA PHE G 18 9.21 5.74 -27.13
C PHE G 18 9.53 4.55 -28.02
N ASP G 19 8.58 3.63 -28.11
CA ASP G 19 8.72 2.47 -28.97
C ASP G 19 8.36 2.90 -30.39
N THR G 20 8.71 2.07 -31.36
CA THR G 20 8.43 2.36 -32.76
C THR G 20 6.97 2.64 -33.04
N ASN G 21 6.72 3.75 -33.74
CA ASN G 21 5.38 4.21 -34.10
C ASN G 21 4.41 4.36 -32.93
N LYS G 22 4.95 4.63 -31.74
CA LYS G 22 4.09 4.80 -30.57
C LYS G 22 4.39 6.13 -29.90
N SER G 23 3.39 6.69 -29.22
CA SER G 23 3.55 7.96 -28.53
C SER G 23 3.05 7.89 -27.08
N ASN G 24 2.94 6.67 -26.56
CA ASN G 24 2.49 6.49 -25.18
C ASN G 24 3.65 6.73 -24.22
N ILE G 25 3.34 7.23 -23.02
CA ILE G 25 4.36 7.47 -22.02
C ILE G 25 4.40 6.23 -21.12
N LYS G 26 5.50 5.50 -21.13
CA LYS G 26 5.62 4.29 -20.32
C LYS G 26 5.63 4.62 -18.83
N ASP G 27 5.21 3.65 -18.01
CA ASP G 27 5.13 3.84 -16.56
C ASP G 27 6.42 4.35 -15.91
N GLN G 28 7.57 3.88 -16.36
CA GLN G 28 8.83 4.30 -15.76
C GLN G 28 9.14 5.78 -15.85
N TYR G 29 8.49 6.49 -16.76
CA TYR G 29 8.76 7.92 -16.91
C TYR G 29 7.90 8.82 -16.03
N LYS G 30 6.88 8.25 -15.39
CA LYS G 30 5.99 9.06 -14.56
C LYS G 30 6.67 9.83 -13.42
N PRO G 31 7.61 9.19 -12.71
CA PRO G 31 8.27 9.92 -11.61
C PRO G 31 8.97 11.21 -12.04
N GLU G 32 9.62 11.18 -13.20
CA GLU G 32 10.32 12.36 -13.69
C GLU G 32 9.32 13.41 -14.16
N ILE G 33 8.23 12.96 -14.77
CA ILE G 33 7.20 13.90 -15.21
C ILE G 33 6.60 14.54 -13.96
N ALA G 34 6.47 13.77 -12.90
CA ALA G 34 5.93 14.28 -11.64
C ALA G 34 6.86 15.34 -11.05
N LYS G 35 8.16 15.12 -11.18
CA LYS G 35 9.14 16.07 -10.64
C LYS G 35 9.06 17.39 -11.39
N VAL G 36 8.88 17.32 -12.70
CA VAL G 36 8.76 18.53 -13.52
C VAL G 36 7.54 19.33 -13.03
N ALA G 37 6.43 18.63 -12.80
CA ALA G 37 5.21 19.27 -12.34
C ALA G 37 5.45 19.96 -11.00
N GLU G 38 6.16 19.28 -10.12
CA GLU G 38 6.47 19.82 -8.81
C GLU G 38 7.26 21.12 -8.92
N LYS G 39 8.30 21.12 -9.75
CA LYS G 39 9.12 22.32 -9.91
C LYS G 39 8.33 23.45 -10.58
N LEU G 40 7.42 23.10 -11.48
CA LEU G 40 6.61 24.11 -12.15
C LEU G 40 5.69 24.76 -11.11
N SER G 41 5.33 23.98 -10.10
CA SER G 41 4.47 24.49 -9.04
C SER G 41 5.27 25.40 -8.12
N GLU G 42 6.54 25.06 -7.92
CA GLU G 42 7.42 25.85 -7.05
C GLU G 42 7.92 27.13 -7.70
N TYR G 43 7.93 27.14 -9.03
CA TYR G 43 8.37 28.30 -9.81
C TYR G 43 7.23 28.68 -10.74
N PRO G 44 6.26 29.46 -10.23
CA PRO G 44 5.12 29.89 -11.02
C PRO G 44 5.38 30.55 -12.37
N ASN G 45 6.53 31.18 -12.55
CA ASN G 45 6.82 31.81 -13.84
C ASN G 45 7.59 30.89 -14.78
N ALA G 46 7.88 29.69 -14.33
CA ALA G 46 8.61 28.75 -15.17
C ALA G 46 7.70 28.19 -16.26
N THR G 47 8.32 27.79 -17.36
CA THR G 47 7.59 27.23 -18.49
C THR G 47 8.43 26.10 -19.06
N ALA G 48 7.81 25.29 -19.91
CA ALA G 48 8.54 24.18 -20.51
C ALA G 48 8.40 24.19 -22.02
N ARG G 49 9.51 23.88 -22.69
CA ARG G 49 9.54 23.80 -24.15
C ARG G 49 9.68 22.30 -24.40
N ILE G 50 8.61 21.67 -24.87
CA ILE G 50 8.57 20.23 -25.12
C ILE G 50 8.77 19.94 -26.60
N GLU G 51 9.80 19.18 -26.93
CA GLU G 51 10.08 18.89 -28.32
C GLU G 51 10.13 17.39 -28.61
N GLY G 52 9.33 16.97 -29.60
CA GLY G 52 9.25 15.56 -29.98
C GLY G 52 10.08 15.21 -31.20
N HIS G 53 10.54 13.96 -31.24
CA HIS G 53 11.40 13.47 -32.31
C HIS G 53 11.08 12.03 -32.70
N THR G 54 11.61 11.60 -33.85
CA THR G 54 11.41 10.24 -34.35
C THR G 54 12.71 9.72 -34.95
N ASP G 55 12.80 8.40 -35.16
CA ASP G 55 13.99 7.89 -35.84
C ASP G 55 13.61 8.12 -37.30
N ASN G 56 14.48 7.79 -38.24
CA ASN G 56 14.16 8.07 -39.64
C ASN G 56 13.45 7.01 -40.46
N THR G 57 12.78 6.07 -39.81
CA THR G 57 12.05 5.02 -40.54
C THR G 57 10.63 5.44 -40.84
N GLY G 58 10.15 5.10 -42.03
CA GLY G 58 8.79 5.45 -42.40
C GLY G 58 8.67 6.76 -43.16
N PRO G 59 7.47 7.07 -43.66
CA PRO G 59 7.15 8.29 -44.42
C PRO G 59 7.39 9.60 -43.68
N ARG G 60 7.81 10.61 -44.42
CA ARG G 60 8.07 11.93 -43.86
C ARG G 60 6.90 12.51 -43.06
N LYS G 61 5.72 12.53 -43.65
CA LYS G 61 4.55 13.09 -42.97
C LYS G 61 4.19 12.33 -41.70
N LEU G 62 4.27 11.00 -41.75
CA LEU G 62 3.93 10.21 -40.57
C LEU G 62 4.85 10.62 -39.41
N ASN G 63 6.12 10.84 -39.71
CA ASN G 63 7.05 11.21 -38.66
C ASN G 63 6.90 12.63 -38.17
N GLU G 64 6.47 13.54 -39.05
CA GLU G 64 6.25 14.91 -38.63
C GLU G 64 5.11 14.86 -37.61
N ARG G 65 4.06 14.12 -37.94
CA ARG G 65 2.91 14.01 -37.05
C ARG G 65 3.21 13.22 -35.78
N LEU G 66 3.99 12.14 -35.92
CA LEU G 66 4.32 11.32 -34.76
C LEU G 66 5.19 12.09 -33.76
N SER G 67 6.14 12.87 -34.27
CA SER G 67 7.01 13.64 -33.39
C SER G 67 6.19 14.64 -32.57
N LEU G 68 5.22 15.28 -33.21
CA LEU G 68 4.37 16.23 -32.51
C LEU G 68 3.49 15.49 -31.50
N ALA G 69 2.94 14.35 -31.90
CA ALA G 69 2.08 13.57 -31.01
C ALA G 69 2.83 13.18 -29.74
N ARG G 70 4.12 12.88 -29.89
CA ARG G 70 4.92 12.51 -28.72
C ARG G 70 5.08 13.70 -27.78
N ALA G 71 5.35 14.88 -28.33
CA ALA G 71 5.50 16.07 -27.50
C ALA G 71 4.17 16.35 -26.81
N ASN G 72 3.08 16.20 -27.54
CA ASN G 72 1.76 16.45 -26.98
C ASN G 72 1.38 15.40 -25.94
N SER G 73 1.87 14.19 -26.09
CA SER G 73 1.59 13.15 -25.11
C SER G 73 2.21 13.53 -23.76
N VAL G 74 3.42 14.10 -23.80
CA VAL G 74 4.08 14.54 -22.58
C VAL G 74 3.34 15.75 -22.01
N LYS G 75 2.95 16.68 -22.86
CA LYS G 75 2.19 17.84 -22.38
C LYS G 75 0.90 17.34 -21.73
N SER G 76 0.25 16.38 -22.38
CA SER G 76 -1.00 15.83 -21.87
C SER G 76 -0.84 15.22 -20.48
N ALA G 77 0.26 14.52 -20.25
CA ALA G 77 0.48 13.91 -18.95
C ALA G 77 0.58 14.99 -17.88
N LEU G 78 1.33 16.05 -18.19
CA LEU G 78 1.50 17.16 -17.26
C LEU G 78 0.16 17.86 -16.97
N VAL G 79 -0.60 18.11 -18.03
CA VAL G 79 -1.88 18.80 -17.89
C VAL G 79 -2.95 17.95 -17.18
N ASN G 80 -3.12 16.71 -17.64
CA ASN G 80 -4.14 15.83 -17.08
C ASN G 80 -3.81 15.08 -15.81
N GLU G 81 -2.58 14.59 -15.68
CA GLU G 81 -2.20 13.84 -14.49
C GLU G 81 -1.66 14.70 -13.36
N TYR G 82 -1.14 15.88 -13.69
CA TYR G 82 -0.56 16.74 -12.67
C TYR G 82 -1.14 18.15 -12.62
N ASN G 83 -2.21 18.37 -13.37
CA ASN G 83 -2.90 19.66 -13.41
C ASN G 83 -2.05 20.89 -13.67
N VAL G 84 -1.07 20.76 -14.55
CA VAL G 84 -0.22 21.89 -14.90
C VAL G 84 -0.97 22.72 -15.94
N ASP G 85 -0.87 24.04 -15.85
CA ASP G 85 -1.56 24.91 -16.79
C ASP G 85 -0.95 24.76 -18.18
N ALA G 86 -1.78 24.35 -19.14
CA ALA G 86 -1.33 24.14 -20.51
C ALA G 86 -0.64 25.34 -21.15
N SER G 87 -1.02 26.55 -20.75
CA SER G 87 -0.43 27.75 -21.34
C SER G 87 1.04 27.94 -20.97
N ARG G 88 1.55 27.11 -20.07
CA ARG G 88 2.95 27.22 -19.67
C ARG G 88 3.80 26.20 -20.40
N LEU G 89 3.17 25.45 -21.30
CA LEU G 89 3.85 24.39 -22.03
C LEU G 89 3.71 24.52 -23.55
N SER G 90 4.83 24.56 -24.25
CA SER G 90 4.79 24.63 -25.70
C SER G 90 5.18 23.26 -26.25
N THR G 91 4.68 22.91 -27.42
CA THR G 91 5.01 21.62 -28.03
C THR G 91 5.36 21.82 -29.50
N GLN G 92 6.32 21.03 -29.97
CA GLN G 92 6.75 21.10 -31.36
C GLN G 92 7.38 19.77 -31.73
N GLY G 93 7.15 19.33 -32.97
CA GLY G 93 7.71 18.09 -33.45
C GLY G 93 8.78 18.40 -34.49
N PHE G 94 9.86 17.64 -34.48
CA PHE G 94 10.96 17.87 -35.41
C PHE G 94 11.20 16.69 -36.35
N ALA G 95 10.26 15.76 -36.39
CA ALA G 95 10.40 14.57 -37.23
C ALA G 95 11.75 13.93 -36.91
N TRP G 96 12.49 13.56 -37.95
CA TRP G 96 13.80 12.92 -37.77
C TRP G 96 14.94 13.90 -37.98
N ASP G 97 14.63 15.19 -37.97
CA ASP G 97 15.61 16.24 -38.23
C ASP G 97 16.70 16.53 -37.20
N GLN G 98 16.50 16.10 -35.97
CA GLN G 98 17.50 16.36 -34.94
C GLN G 98 17.86 15.08 -34.20
N PRO G 99 18.52 14.15 -34.89
CA PRO G 99 18.91 12.89 -34.25
C PRO G 99 20.04 13.11 -33.26
N ILE G 100 20.11 12.25 -32.25
CA ILE G 100 21.17 12.34 -31.25
C ILE G 100 22.01 11.06 -31.38
N ALA G 101 21.56 10.15 -32.24
CA ALA G 101 22.26 8.90 -32.48
C ALA G 101 22.11 8.45 -33.93
N ASP G 102 22.96 7.51 -34.34
CA ASP G 102 22.94 6.98 -35.70
C ASP G 102 21.72 6.10 -35.92
N ASN G 103 20.93 6.41 -36.94
CA ASN G 103 19.74 5.64 -37.25
C ASN G 103 20.04 4.28 -37.88
N LYS G 104 21.32 3.99 -38.05
CA LYS G 104 21.72 2.72 -38.66
C LYS G 104 21.56 1.50 -37.74
N THR G 105 21.48 1.74 -36.44
CA THR G 105 21.33 0.64 -35.48
C THR G 105 20.03 0.71 -34.69
N LYS G 106 19.61 -0.40 -34.10
CA LYS G 106 18.40 -0.45 -33.30
C LYS G 106 18.57 0.48 -32.11
N GLU G 107 19.73 0.36 -31.47
CA GLU G 107 20.08 1.17 -30.32
C GLU G 107 20.05 2.65 -30.65
N GLY G 108 20.56 3.00 -31.82
CA GLY G 108 20.57 4.39 -32.25
C GLY G 108 19.18 4.92 -32.49
N ARG G 109 18.36 4.16 -33.21
CA ARG G 109 17.00 4.58 -33.50
C ARG G 109 16.21 4.76 -32.21
N ALA G 110 16.45 3.87 -31.24
CA ALA G 110 15.77 3.95 -29.96
C ALA G 110 16.03 5.30 -29.28
N MET G 111 17.27 5.78 -29.36
CA MET G 111 17.60 7.07 -28.73
C MET G 111 16.93 8.24 -29.45
N ASN G 112 16.71 8.11 -30.75
CA ASN G 112 16.08 9.17 -31.52
C ASN G 112 14.58 9.28 -31.32
N ARG G 113 13.93 8.19 -30.92
CA ARG G 113 12.48 8.20 -30.67
C ARG G 113 12.31 8.79 -29.28
N ARG G 114 12.26 10.11 -29.19
CA ARG G 114 12.22 10.74 -27.89
C ARG G 114 11.52 12.09 -27.83
N VAL G 115 11.36 12.56 -26.61
CA VAL G 115 10.83 13.89 -26.34
C VAL G 115 11.86 14.44 -25.38
N PHE G 116 12.28 15.67 -25.65
CA PHE G 116 13.24 16.38 -24.83
C PHE G 116 12.48 17.62 -24.36
N ALA G 117 12.38 17.80 -23.05
CA ALA G 117 11.68 18.95 -22.51
C ALA G 117 12.65 19.81 -21.70
N THR G 118 12.64 21.11 -21.96
CA THR G 118 13.51 22.02 -21.24
C THR G 118 12.63 22.93 -20.40
N ILE G 119 12.84 22.91 -19.10
CA ILE G 119 12.06 23.72 -18.17
C ILE G 119 12.96 24.79 -17.57
N THR G 120 12.52 26.05 -17.65
CA THR G 120 13.31 27.14 -17.10
C THR G 120 12.41 28.19 -16.49
N GLY G 121 12.96 28.92 -15.52
CA GLY G 121 12.21 29.95 -14.85
C GLY G 121 12.99 30.41 -13.63
N SER G 122 12.47 31.44 -12.96
CA SER G 122 13.14 31.99 -11.79
C SER G 122 12.09 32.45 -10.79
N ARG G 123 12.53 32.69 -9.56
CA ARG G 123 11.64 33.18 -8.51
C ARG G 123 12.44 34.03 -7.53
N HIS H 3 -26.08 -29.18 -17.96
CA HIS H 3 -24.64 -29.30 -17.58
C HIS H 3 -24.37 -28.72 -16.20
N MET H 4 -25.42 -28.39 -15.47
CA MET H 4 -25.25 -27.83 -14.13
C MET H 4 -26.53 -27.88 -13.33
N GLU H 5 -26.42 -28.35 -12.09
CA GLU H 5 -27.56 -28.43 -11.18
C GLU H 5 -27.11 -27.89 -9.85
N LEU H 6 -28.04 -27.29 -9.12
CA LEU H 6 -27.70 -26.74 -7.82
C LEU H 6 -28.92 -26.67 -6.91
N THR H 7 -28.65 -26.73 -5.63
CA THR H 7 -29.69 -26.66 -4.63
C THR H 7 -29.17 -25.79 -3.50
N GLU H 8 -30.08 -25.18 -2.77
CA GLU H 8 -29.73 -24.34 -1.62
C GLU H 8 -30.70 -24.81 -0.54
N ASP H 9 -30.17 -25.21 0.60
CA ASP H 9 -30.98 -25.69 1.71
C ASP H 9 -31.00 -24.69 2.85
N LEU H 10 -32.19 -24.37 3.33
CA LEU H 10 -32.35 -23.41 4.42
C LEU H 10 -32.61 -24.14 5.74
N ASN H 11 -31.87 -23.77 6.78
CA ASN H 11 -32.07 -24.35 8.10
C ASN H 11 -31.95 -23.22 9.10
N MET H 12 -33.03 -22.94 9.82
CA MET H 12 -33.03 -21.86 10.81
C MET H 12 -33.61 -22.33 12.13
N GLU H 13 -33.18 -21.68 13.21
CA GLU H 13 -33.69 -21.98 14.53
C GLU H 13 -33.95 -20.63 15.18
N LEU H 14 -35.22 -20.35 15.44
CA LEU H 14 -35.63 -19.09 16.06
C LEU H 14 -35.85 -19.35 17.54
N ARG H 15 -35.43 -18.40 18.38
CA ARG H 15 -35.58 -18.56 19.81
C ARG H 15 -36.17 -17.28 20.40
N VAL H 16 -37.38 -17.40 20.94
CA VAL H 16 -38.09 -16.26 21.55
C VAL H 16 -38.33 -16.57 23.03
N PHE H 17 -38.08 -15.59 23.89
CA PHE H 17 -38.26 -15.80 25.32
C PHE H 17 -39.40 -14.95 25.89
N PHE H 18 -39.98 -15.42 26.99
CA PHE H 18 -41.14 -14.77 27.59
C PHE H 18 -41.03 -14.49 29.08
N ASP H 19 -41.76 -13.47 29.53
CA ASP H 19 -41.78 -13.13 30.95
C ASP H 19 -42.74 -14.11 31.62
N THR H 20 -42.58 -14.30 32.93
CA THR H 20 -43.44 -15.23 33.67
C THR H 20 -44.93 -14.97 33.46
N ASN H 21 -45.65 -16.05 33.17
CA ASN H 21 -47.10 -16.04 32.94
C ASN H 21 -47.54 -15.21 31.75
N LYS H 22 -46.62 -14.90 30.83
CA LYS H 22 -46.95 -14.09 29.68
C LYS H 22 -46.69 -14.81 28.36
N SER H 23 -47.45 -14.45 27.33
CA SER H 23 -47.27 -15.05 26.00
C SER H 23 -47.15 -13.97 24.93
N ASN H 24 -46.92 -12.73 25.35
CA ASN H 24 -46.77 -11.62 24.41
C ASN H 24 -45.36 -11.68 23.78
N ILE H 25 -45.23 -11.14 22.58
CA ILE H 25 -43.94 -11.11 21.91
C ILE H 25 -43.27 -9.78 22.26
N LYS H 26 -42.18 -9.84 23.01
CA LYS H 26 -41.47 -8.63 23.40
C LYS H 26 -40.80 -8.03 22.16
N ASP H 27 -40.83 -6.70 22.06
CA ASP H 27 -40.26 -6.02 20.91
C ASP H 27 -38.83 -6.38 20.55
N GLN H 28 -38.03 -6.80 21.52
CA GLN H 28 -36.63 -7.14 21.24
C GLN H 28 -36.50 -8.38 20.35
N TYR H 29 -37.57 -9.16 20.21
CA TYR H 29 -37.51 -10.36 19.38
C TYR H 29 -38.08 -10.16 17.98
N LYS H 30 -38.55 -8.96 17.67
CA LYS H 30 -39.09 -8.71 16.36
C LYS H 30 -38.05 -8.79 15.23
N PRO H 31 -36.81 -8.33 15.48
CA PRO H 31 -35.83 -8.44 14.39
C PRO H 31 -35.63 -9.87 13.89
N GLU H 32 -35.55 -10.81 14.81
CA GLU H 32 -35.35 -12.21 14.42
C GLU H 32 -36.60 -12.83 13.80
N ILE H 33 -37.77 -12.37 14.23
CA ILE H 33 -39.01 -12.86 13.65
C ILE H 33 -39.10 -12.32 12.23
N ALA H 34 -38.64 -11.08 12.04
CA ALA H 34 -38.65 -10.44 10.73
C ALA H 34 -37.72 -11.21 9.78
N LYS H 35 -36.58 -11.66 10.31
CA LYS H 35 -35.62 -12.40 9.51
C LYS H 35 -36.23 -13.74 9.07
N VAL H 36 -36.97 -14.39 9.98
CA VAL H 36 -37.60 -15.66 9.64
C VAL H 36 -38.58 -15.46 8.49
N ALA H 37 -39.42 -14.43 8.59
CA ALA H 37 -40.40 -14.15 7.54
C ALA H 37 -39.71 -13.93 6.20
N GLU H 38 -38.57 -13.22 6.23
CA GLU H 38 -37.81 -12.94 5.02
C GLU H 38 -37.34 -14.25 4.37
N LYS H 39 -36.73 -15.13 5.16
CA LYS H 39 -36.24 -16.38 4.61
C LYS H 39 -37.38 -17.28 4.14
N LEU H 40 -38.54 -17.18 4.80
CA LEU H 40 -39.68 -17.98 4.38
C LEU H 40 -40.15 -17.52 3.01
N SER H 41 -40.01 -16.23 2.72
CA SER H 41 -40.44 -15.72 1.41
C SER H 41 -39.41 -16.10 0.34
N GLU H 42 -38.15 -16.22 0.76
CA GLU H 42 -37.07 -16.58 -0.16
C GLU H 42 -37.06 -18.07 -0.50
N TYR H 43 -37.63 -18.88 0.40
CA TYR H 43 -37.72 -20.32 0.21
C TYR H 43 -39.21 -20.70 0.31
N PRO H 44 -39.96 -20.52 -0.80
CA PRO H 44 -41.39 -20.83 -0.87
C PRO H 44 -41.86 -22.15 -0.29
N ASN H 45 -41.04 -23.20 -0.37
CA ASN H 45 -41.47 -24.48 0.18
C ASN H 45 -41.11 -24.68 1.64
N ALA H 46 -40.44 -23.71 2.25
CA ALA H 46 -40.04 -23.84 3.65
C ALA H 46 -41.24 -23.82 4.59
N THR H 47 -41.12 -24.52 5.70
CA THR H 47 -42.17 -24.58 6.71
C THR H 47 -41.49 -24.40 8.06
N ALA H 48 -42.28 -24.08 9.08
CA ALA H 48 -41.74 -23.87 10.40
C ALA H 48 -42.49 -24.69 11.43
N ARG H 49 -41.75 -25.29 12.35
CA ARG H 49 -42.33 -26.06 13.44
C ARG H 49 -42.09 -25.21 14.67
N ILE H 50 -43.15 -24.60 15.19
CA ILE H 50 -43.06 -23.71 16.34
C ILE H 50 -43.45 -24.46 17.61
N GLU H 51 -42.55 -24.49 18.58
CA GLU H 51 -42.80 -25.22 19.82
C GLU H 51 -42.66 -24.31 21.05
N GLY H 52 -43.70 -24.27 21.86
CA GLY H 52 -43.71 -23.43 23.05
C GLY H 52 -43.44 -24.20 24.33
N HIS H 53 -42.85 -23.52 25.32
CA HIS H 53 -42.49 -24.14 26.58
C HIS H 53 -42.67 -23.19 27.76
N THR H 54 -42.60 -23.74 28.98
CA THR H 54 -42.73 -22.94 30.19
C THR H 54 -41.70 -23.44 31.19
N ASP H 55 -41.44 -22.65 32.25
CA ASP H 55 -40.54 -23.15 33.28
C ASP H 55 -41.49 -24.01 34.11
N ASN H 56 -41.02 -24.68 35.16
CA ASN H 56 -41.90 -25.56 35.91
C ASN H 56 -42.69 -24.99 37.10
N THR H 57 -42.86 -23.68 37.16
CA THR H 57 -43.62 -23.07 38.25
C THR H 57 -45.10 -22.94 37.92
N GLY H 58 -45.96 -23.20 38.91
CA GLY H 58 -47.39 -23.07 38.68
C GLY H 58 -48.15 -24.35 38.36
N PRO H 59 -49.48 -24.26 38.24
CA PRO H 59 -50.37 -25.39 37.93
C PRO H 59 -50.06 -26.02 36.58
N ARG H 60 -50.19 -27.34 36.48
CA ARG H 60 -49.92 -28.04 35.22
C ARG H 60 -50.75 -27.52 34.03
N LYS H 61 -52.06 -27.52 34.17
CA LYS H 61 -52.94 -27.07 33.09
C LYS H 61 -52.64 -25.65 32.62
N LEU H 62 -52.39 -24.74 33.56
CA LEU H 62 -52.09 -23.37 33.19
C LEU H 62 -50.87 -23.34 32.28
N ASN H 63 -49.89 -24.19 32.57
CA ASN H 63 -48.67 -24.24 31.78
C ASN H 63 -48.82 -24.95 30.44
N GLU H 64 -49.71 -25.94 30.36
CA GLU H 64 -49.95 -26.61 29.09
C GLU H 64 -50.52 -25.55 28.16
N ARG H 65 -51.49 -24.80 28.68
CA ARG H 65 -52.14 -23.74 27.91
C ARG H 65 -51.17 -22.63 27.54
N LEU H 66 -50.36 -22.21 28.50
CA LEU H 66 -49.39 -21.14 28.28
C LEU H 66 -48.35 -21.50 27.23
N SER H 67 -47.86 -22.74 27.27
CA SER H 67 -46.84 -23.17 26.31
C SER H 67 -47.40 -23.08 24.89
N LEU H 68 -48.65 -23.52 24.72
CA LEU H 68 -49.27 -23.47 23.40
C LEU H 68 -49.56 -22.03 23.00
N ALA H 69 -50.03 -21.22 23.95
CA ALA H 69 -50.33 -19.83 23.67
C ALA H 69 -49.07 -19.11 23.20
N ARG H 70 -47.93 -19.46 23.77
CA ARG H 70 -46.67 -18.83 23.37
C ARG H 70 -46.33 -19.17 21.93
N ALA H 71 -46.45 -20.44 21.58
CA ALA H 71 -46.16 -20.86 20.22
C ALA H 71 -47.15 -20.17 19.29
N ASN H 72 -48.42 -20.13 19.69
CA ASN H 72 -49.43 -19.48 18.85
C ASN H 72 -49.19 -17.99 18.70
N SER H 73 -48.59 -17.37 19.73
CA SER H 73 -48.30 -15.95 19.67
C SER H 73 -47.25 -15.68 18.60
N VAL H 74 -46.26 -16.57 18.50
CA VAL H 74 -45.22 -16.39 17.48
C VAL H 74 -45.82 -16.59 16.09
N LYS H 75 -46.68 -17.60 15.95
CA LYS H 75 -47.32 -17.85 14.66
C LYS H 75 -48.14 -16.63 14.26
N SER H 76 -48.90 -16.09 15.22
CA SER H 76 -49.72 -14.91 14.94
C SER H 76 -48.88 -13.71 14.50
N ALA H 77 -47.71 -13.54 15.11
CA ALA H 77 -46.85 -12.43 14.73
C ALA H 77 -46.45 -12.58 13.26
N LEU H 78 -45.99 -13.78 12.89
CA LEU H 78 -45.57 -14.06 11.52
C LEU H 78 -46.69 -13.86 10.50
N VAL H 79 -47.88 -14.31 10.84
CA VAL H 79 -49.01 -14.17 9.93
C VAL H 79 -49.59 -12.75 9.85
N ASN H 80 -49.90 -12.16 10.99
CA ASN H 80 -50.49 -10.83 11.02
C ASN H 80 -49.54 -9.67 10.76
N GLU H 81 -48.31 -9.76 11.27
CA GLU H 81 -47.35 -8.68 11.10
C GLU H 81 -46.40 -8.83 9.92
N TYR H 82 -46.11 -10.07 9.52
CA TYR H 82 -45.17 -10.29 8.43
C TYR H 82 -45.71 -10.98 7.20
N ASN H 83 -47.05 -11.02 7.09
CA ASN H 83 -47.72 -11.60 5.94
C ASN H 83 -47.32 -13.02 5.55
N VAL H 84 -46.99 -13.85 6.54
CA VAL H 84 -46.61 -15.22 6.27
C VAL H 84 -47.86 -16.11 6.16
N ASP H 85 -47.82 -17.05 5.22
CA ASP H 85 -48.91 -18.00 4.99
C ASP H 85 -49.06 -18.89 6.23
N ALA H 86 -50.18 -18.75 6.93
CA ALA H 86 -50.41 -19.52 8.15
C ALA H 86 -50.27 -21.03 7.98
N SER H 87 -50.58 -21.55 6.78
CA SER H 87 -50.52 -22.98 6.53
C SER H 87 -49.10 -23.56 6.55
N ARG H 88 -48.10 -22.69 6.50
CA ARG H 88 -46.69 -23.12 6.50
C ARG H 88 -46.16 -23.24 7.93
N LEU H 89 -47.00 -22.90 8.89
CA LEU H 89 -46.58 -22.92 10.29
C LEU H 89 -47.38 -23.84 11.21
N SER H 90 -46.68 -24.66 11.99
CA SER H 90 -47.35 -25.55 12.94
C SER H 90 -47.00 -25.09 14.35
N THR H 91 -47.91 -25.30 15.29
CA THR H 91 -47.67 -24.91 16.68
C THR H 91 -47.99 -26.06 17.63
N GLN H 92 -47.21 -26.13 18.71
CA GLN H 92 -47.40 -27.15 19.73
C GLN H 92 -46.80 -26.65 21.04
N GLY H 93 -47.45 -27.01 22.15
CA GLY H 93 -46.97 -26.61 23.46
C GLY H 93 -46.51 -27.86 24.18
N PHE H 94 -45.46 -27.73 24.99
CA PHE H 94 -44.91 -28.87 25.73
C PHE H 94 -44.88 -28.64 27.23
N ALA H 95 -45.60 -27.61 27.70
CA ALA H 95 -45.61 -27.30 29.11
C ALA H 95 -44.16 -27.18 29.57
N TRP H 96 -43.85 -27.76 30.73
CA TRP H 96 -42.48 -27.72 31.27
C TRP H 96 -41.75 -29.03 31.04
N ASP H 97 -42.26 -29.86 30.14
CA ASP H 97 -41.68 -31.18 29.87
C ASP H 97 -40.32 -31.25 29.18
N GLN H 98 -39.92 -30.18 28.49
CA GLN H 98 -38.63 -30.21 27.80
C GLN H 98 -37.76 -29.03 28.18
N PRO H 99 -37.25 -29.02 29.42
CA PRO H 99 -36.40 -27.92 29.86
C PRO H 99 -35.05 -27.94 29.15
N ILE H 100 -34.46 -26.76 28.98
CA ILE H 100 -33.14 -26.66 28.37
C ILE H 100 -32.19 -26.09 29.41
N ALA H 101 -32.75 -25.74 30.56
CA ALA H 101 -31.96 -25.18 31.65
C ALA H 101 -32.54 -25.60 33.00
N ASP H 102 -31.78 -25.33 34.06
CA ASP H 102 -32.17 -25.67 35.42
C ASP H 102 -33.25 -24.73 35.96
N ASN H 103 -34.39 -25.30 36.37
CA ASN H 103 -35.48 -24.51 36.92
C ASN H 103 -35.18 -24.06 38.34
N LYS H 104 -34.12 -24.61 38.91
CA LYS H 104 -33.73 -24.27 40.28
C LYS H 104 -33.18 -22.84 40.38
N THR H 105 -32.81 -22.27 39.25
CA THR H 105 -32.27 -20.90 39.24
C THR H 105 -33.15 -19.96 38.44
N LYS H 106 -33.10 -18.69 38.80
CA LYS H 106 -33.88 -17.65 38.13
C LYS H 106 -33.51 -17.60 36.65
N GLU H 107 -32.22 -17.69 36.36
CA GLU H 107 -31.73 -17.64 34.99
C GLU H 107 -32.18 -18.86 34.18
N GLY H 108 -32.20 -20.02 34.83
CA GLY H 108 -32.61 -21.24 34.14
C GLY H 108 -34.08 -21.21 33.74
N ARG H 109 -34.93 -20.77 34.67
CA ARG H 109 -36.36 -20.69 34.39
C ARG H 109 -36.61 -19.73 33.24
N ALA H 110 -35.85 -18.64 33.20
CA ALA H 110 -35.99 -17.65 32.14
C ALA H 110 -35.68 -18.30 30.80
N MET H 111 -34.68 -19.17 30.79
CA MET H 111 -34.30 -19.85 29.56
C MET H 111 -35.38 -20.83 29.13
N ASN H 112 -36.10 -21.39 30.10
CA ASN H 112 -37.15 -22.35 29.79
C ASN H 112 -38.45 -21.74 29.28
N ARG H 113 -38.70 -20.48 29.64
CA ARG H 113 -39.90 -19.78 29.16
C ARG H 113 -39.56 -19.36 27.75
N ARG H 114 -39.79 -20.24 26.80
CA ARG H 114 -39.40 -19.97 25.43
C ARG H 114 -40.26 -20.62 24.35
N VAL H 115 -40.00 -20.19 23.13
CA VAL H 115 -40.61 -20.75 21.94
C VAL H 115 -39.41 -20.97 21.03
N PHE H 116 -39.24 -22.20 20.56
CA PHE H 116 -38.16 -22.52 19.65
C PHE H 116 -38.84 -22.92 18.35
N ALA H 117 -38.42 -22.28 17.27
CA ALA H 117 -38.99 -22.57 15.96
C ALA H 117 -37.92 -23.10 15.03
N THR H 118 -38.23 -24.22 14.37
CA THR H 118 -37.31 -24.83 13.44
C THR H 118 -37.86 -24.60 12.03
N ILE H 119 -37.04 -23.97 11.19
CA ILE H 119 -37.43 -23.67 9.82
C ILE H 119 -36.54 -24.45 8.87
N THR H 120 -37.17 -25.14 7.92
CA THR H 120 -36.42 -25.92 6.95
C THR H 120 -37.04 -25.73 5.57
N GLY H 121 -36.20 -25.68 4.55
CA GLY H 121 -36.69 -25.51 3.20
C GLY H 121 -35.55 -25.69 2.21
N SER H 122 -35.88 -25.66 0.93
CA SER H 122 -34.86 -25.81 -0.10
C SER H 122 -35.35 -25.20 -1.40
N ARG H 123 -34.42 -24.81 -2.26
CA ARG H 123 -34.79 -24.22 -3.55
C ARG H 123 -33.72 -24.57 -4.60
N DAL I . 2.64 -17.82 -10.19
CA DAL I . 2.66 -17.93 -8.70
CB DAL I . 1.23 -17.84 -8.15
C DAL I . 3.61 -16.83 -8.15
O DAL I . 4.33 -16.14 -8.86
OXT DAL I . 3.56 -16.73 -6.86
S SO4 J . 6.75 -23.81 -5.93
O1 SO4 J . 7.45 -23.03 -6.96
O2 SO4 J . 7.62 -24.00 -4.76
O3 SO4 J . 5.52 -23.11 -5.53
O4 SO4 J . 6.40 -25.14 -6.48
N DAL K . -35.22 12.64 33.77
CA DAL K . -34.51 13.65 32.98
CB DAL K . -35.52 14.55 32.24
C DAL K . -33.62 12.87 32.01
O DAL K . -33.46 11.66 32.07
OXT DAL K . -33.06 13.65 31.12
S SO4 L . -28.62 17.09 36.82
O1 SO4 L . -28.73 15.66 36.52
O2 SO4 L . -29.29 17.39 38.10
O3 SO4 L . -27.20 17.48 36.91
O4 SO4 L . -29.27 17.88 35.74
N DAL M . 49.04 35.96 -20.84
CA DAL M . 49.00 36.77 -19.60
CB DAL M . 50.43 37.03 -19.09
C DAL M . 48.12 35.96 -18.62
O DAL M . 47.50 34.96 -18.95
OXT DAL M . 48.09 36.45 -17.42
S SO4 N . 43.94 42.80 -19.46
O1 SO4 N . 43.79 41.54 -20.19
O2 SO4 N . 43.36 42.68 -18.11
O3 SO4 N . 45.37 43.15 -19.35
O4 SO4 N . 43.24 43.87 -20.20
N DAL O . -6.13 -48.67 10.29
CA DAL O . -5.71 -48.35 8.94
CB DAL O . -4.22 -48.64 8.78
C DAL O . -6.04 -46.85 8.79
O DAL O . -6.61 -46.22 9.67
OXT DAL O . -5.65 -46.33 7.65
S SO4 P . -10.95 -50.82 3.46
O1 SO4 P . -9.78 -51.64 3.14
O2 SO4 P . -12.18 -51.60 3.26
O3 SO4 P . -10.89 -50.38 4.87
O4 SO4 P . -10.98 -49.64 2.57
N DAL Q . -7.48 -39.30 -24.55
CA DAL Q . -7.84 -38.27 -25.52
CB DAL Q . -6.58 -37.58 -26.06
C DAL Q . -8.73 -37.30 -24.71
O DAL Q . -9.17 -37.60 -23.61
OXT DAL Q . -8.96 -36.18 -25.32
S SO4 R . -12.75 -40.14 -30.97
O1 SO4 R . -12.79 -41.36 -31.79
O2 SO4 R . -12.60 -40.50 -29.55
O3 SO4 R . -11.60 -39.30 -31.39
O4 SO4 R . -13.99 -39.38 -31.16
N DAL S . 37.20 56.09 5.97
CA DAL S . 36.31 56.23 7.11
CB DAL S . 37.07 56.04 8.43
C DAL S . 35.25 55.13 6.89
O DAL S . 35.15 54.51 5.84
OXT DAL S . 34.50 54.93 7.93
S SO4 T . 30.99 62.20 6.96
O1 SO4 T . 29.53 62.41 7.02
O2 SO4 T . 31.66 63.49 6.73
O3 SO4 T . 31.45 61.62 8.24
O4 SO4 T . 31.32 61.28 5.85
N DAL U . 10.01 6.65 -37.27
CA DAL U . 9.42 5.61 -36.42
CB DAL U . 7.99 5.33 -36.88
C DAL U . 9.51 6.23 -34.98
O DAL U . 10.15 7.23 -34.72
OXT DAL U . 8.83 5.56 -34.11
S SO4 V . 13.20 -0.99 -34.25
O1 SO4 V . 14.25 -1.93 -34.66
O2 SO4 V . 11.90 -1.41 -34.81
O3 SO4 V . 13.10 -0.97 -32.78
O4 SO4 V . 13.52 0.36 -34.75
N DAL W . -44.45 -21.43 34.49
CA DAL W . -44.52 -19.96 34.40
CB DAL W . -45.96 -19.44 34.64
C DAL W . -44.01 -19.62 32.98
O DAL W . -43.49 -20.43 32.25
OXT DAL W . -44.21 -18.37 32.66
S SO4 X . -38.39 -16.08 38.16
O1 SO4 X . -37.59 -17.09 37.44
O2 SO4 X . -39.81 -16.19 37.76
O3 SO4 X . -38.28 -16.31 39.61
O4 SO4 X . -37.89 -14.74 37.83
#